data_8IRP
#
_entry.id   8IRP
#
_cell.length_a   1.00
_cell.length_b   1.00
_cell.length_c   1.00
_cell.angle_alpha   90.00
_cell.angle_beta   90.00
_cell.angle_gamma   90.00
#
_symmetry.space_group_name_H-M   'P 1'
#
loop_
_entity.id
_entity.type
_entity.pdbx_description
1 polymer 'Adenine/guanine permease AZG1'
2 branched 2-acetamido-2-deoxy-beta-D-glucopyranose-(1-4)-2-acetamido-2-deoxy-beta-D-glucopyranose
3 non-polymer N-(FURAN-2-YLMETHYL)-7H-PURIN-6-AMINE
4 water water
#
_entity_poly.entity_id   1
_entity_poly.type   'polypeptide(L)'
_entity_poly.pdbx_seq_one_letter_code
;MEQQQQQQLPSTTTRPKPKLLNRLNTYVGSSRVGKRFKLAERNSTFTTELRAGTATFLTMAYILAVNASILSDSGGTCSV
SDCIPLCSNPAIEPSQCTGPGLRLIQPDVSCKFNPVNPGYAACVEEIRKDLIVATVAASLIGCVIMGLMANLPLALAPGM
GTNAYFAYTVVGFHGSGSISYRTALAAVFIEGLIFLFISAIGFRAKLAKLVPKPVRISSSAGIGLFLAFIGLQNNQGIGL
VGYSPSTLVTLAACPASSRISLAPVITSANGTVSLLAGGSVSGDIMCIHGRMESPTFWLGIVGFVIIAYCLVKNVKGAMI
YGIVFVTAVSWFRNTEVTAFPNTSAGDAAHDYFKKIVDVHVIKHTAGALSFSGINKGHFWEALVTFLYVDILDTTGTLYS
MARFAGFVDEKGDFAGQYFAFMSDASAIVIGSLLGTSPVTVFIESSTGIREGGRTGLTAITVAVYFLLAMFFTPLLASIP
AWAVGPPLILVGVMMMKSVTEIDWEDMREAIPAFVTMILMPLTYSVAYGLIGGIGSYVVLHLWDWGEEGLVKLGFLKRKV
KEEDNNNGVVKASEIDTTVSGRDYKDDDDKWSHPQFEKGGGGSGGSAWSHPQFEK
;
_entity_poly.pdbx_strand_id   B,A
#
loop_
_chem_comp.id
_chem_comp.type
_chem_comp.name
_chem_comp.formula
H35 non-polymer N-(FURAN-2-YLMETHYL)-7H-PURIN-6-AMINE 'C10 H9 N5 O'
NAG D-saccharide, beta linking 2-acetamido-2-deoxy-beta-D-glucopyranose 'C8 H15 N O6'
#
# COMPACT_ATOMS: atom_id res chain seq x y z
N PRO A 18 -10.65 -21.27 54.52
CA PRO A 18 -10.91 -20.84 53.15
C PRO A 18 -10.21 -21.74 52.11
N LYS A 19 -8.96 -21.43 51.78
CA LYS A 19 -8.20 -22.25 50.86
C LYS A 19 -6.78 -21.72 50.81
N LEU A 20 -5.87 -22.54 50.27
CA LEU A 20 -4.47 -22.12 50.20
C LEU A 20 -4.32 -20.86 49.38
N LEU A 21 -5.04 -20.76 48.26
CA LEU A 21 -4.97 -19.55 47.44
C LEU A 21 -5.44 -18.33 48.22
N ASN A 22 -6.56 -18.45 48.94
CA ASN A 22 -7.07 -17.33 49.72
C ASN A 22 -6.10 -16.95 50.83
N ARG A 23 -5.49 -17.95 51.49
CA ARG A 23 -4.52 -17.67 52.54
C ARG A 23 -3.32 -16.92 51.98
N LEU A 24 -2.82 -17.35 50.82
CA LEU A 24 -1.72 -16.63 50.20
C LEU A 24 -2.11 -15.20 49.85
N ASN A 25 -3.30 -15.02 49.29
CA ASN A 25 -3.74 -13.68 48.91
C ASN A 25 -3.85 -12.77 50.13
N THR A 26 -4.43 -13.28 51.22
CA THR A 26 -4.61 -12.42 52.40
C THR A 26 -3.28 -12.15 53.08
N TYR A 27 -2.36 -13.12 53.05
CA TYR A 27 -1.03 -12.88 53.62
C TYR A 27 -0.28 -11.81 52.83
N VAL A 28 -0.28 -11.91 51.51
CA VAL A 28 0.47 -10.95 50.70
C VAL A 28 -0.18 -9.57 50.76
N GLY A 29 -1.51 -9.53 50.70
CA GLY A 29 -2.19 -8.24 50.65
C GLY A 29 -1.95 -7.40 51.89
N SER A 30 -1.81 -8.03 53.05
CA SER A 30 -1.61 -7.33 54.31
C SER A 30 -0.14 -7.18 54.69
N SER A 31 0.78 -7.63 53.83
CA SER A 31 2.21 -7.53 54.12
C SER A 31 2.74 -6.18 53.65
N ARG A 32 3.97 -5.88 54.06
CA ARG A 32 4.60 -4.62 53.67
C ARG A 32 4.79 -4.54 52.17
N VAL A 33 5.21 -5.64 51.54
CA VAL A 33 5.34 -5.66 50.09
C VAL A 33 3.98 -5.44 49.44
N GLY A 34 2.94 -6.07 49.98
CA GLY A 34 1.62 -5.91 49.41
C GLY A 34 1.09 -4.49 49.52
N LYS A 35 1.30 -3.85 50.67
CA LYS A 35 0.87 -2.48 50.85
C LYS A 35 1.74 -1.50 50.06
N ARG A 36 2.97 -1.88 49.73
CA ARG A 36 3.81 -1.02 48.90
C ARG A 36 3.19 -0.84 47.52
N PHE A 37 2.60 -1.90 46.98
CA PHE A 37 1.94 -1.85 45.68
C PHE A 37 0.48 -1.41 45.77
N LYS A 38 0.00 -1.09 46.97
CA LYS A 38 -1.37 -0.64 47.16
C LYS A 38 -2.38 -1.69 46.68
N LEU A 39 -2.12 -2.94 47.02
CA LEU A 39 -2.99 -4.03 46.57
C LEU A 39 -4.41 -3.85 47.11
N ALA A 40 -4.55 -3.68 48.42
CA ALA A 40 -5.88 -3.62 49.02
C ALA A 40 -6.67 -2.43 48.50
N GLU A 41 -6.00 -1.30 48.30
CA GLU A 41 -6.68 -0.10 47.84
C GLU A 41 -7.18 -0.22 46.40
N ARG A 42 -6.68 -1.19 45.64
CA ARG A 42 -7.05 -1.37 44.24
C ARG A 42 -7.87 -2.63 43.99
N ASN A 43 -8.23 -3.37 45.03
CA ASN A 43 -9.14 -4.52 44.92
C ASN A 43 -8.52 -5.69 44.17
N SER A 44 -7.25 -5.98 44.45
CA SER A 44 -6.57 -7.15 43.90
C SER A 44 -5.27 -7.36 44.64
N THR A 45 -4.97 -8.58 45.10
CA THR A 45 -3.84 -8.77 46.01
C THR A 45 -2.67 -9.53 45.40
N PHE A 46 -2.82 -10.80 45.10
CA PHE A 46 -1.64 -11.49 44.55
C PHE A 46 -1.94 -12.37 43.35
N THR A 47 -3.06 -13.09 43.35
CA THR A 47 -3.35 -14.02 42.27
C THR A 47 -4.03 -13.33 41.11
N THR A 48 -4.80 -12.28 41.37
CA THR A 48 -5.31 -11.46 40.27
C THR A 48 -4.16 -10.82 39.51
N GLU A 49 -3.16 -10.32 40.24
CA GLU A 49 -2.01 -9.72 39.57
C GLU A 49 -1.22 -10.76 38.79
N LEU A 50 -1.03 -11.96 39.36
CA LEU A 50 -0.32 -13.01 38.64
C LEU A 50 -1.07 -13.42 37.38
N ARG A 51 -2.39 -13.57 37.48
CA ARG A 51 -3.17 -13.95 36.31
C ARG A 51 -3.14 -12.85 35.25
N ALA A 52 -3.24 -11.59 35.67
CA ALA A 52 -3.17 -10.49 34.71
C ALA A 52 -1.82 -10.43 34.03
N GLY A 53 -0.74 -10.63 34.80
CA GLY A 53 0.58 -10.64 34.19
C GLY A 53 0.75 -11.80 33.22
N THR A 54 0.22 -12.97 33.57
CA THR A 54 0.28 -14.10 32.66
C THR A 54 -0.48 -13.81 31.37
N ALA A 55 -1.67 -13.23 31.49
CA ALA A 55 -2.44 -12.91 30.29
C ALA A 55 -1.73 -11.88 29.43
N THR A 56 -1.17 -10.85 30.05
CA THR A 56 -0.43 -9.85 29.29
C THR A 56 0.78 -10.47 28.59
N PHE A 57 1.51 -11.33 29.29
CA PHE A 57 2.67 -11.96 28.68
C PHE A 57 2.27 -12.86 27.52
N LEU A 58 1.18 -13.62 27.69
CA LEU A 58 0.71 -14.44 26.58
C LEU A 58 0.35 -13.58 25.38
N THR A 59 -0.28 -12.42 25.63
CA THR A 59 -0.65 -11.55 24.53
C THR A 59 0.57 -10.97 23.83
N MET A 60 1.61 -10.62 24.58
CA MET A 60 2.75 -9.90 24.02
C MET A 60 3.93 -10.80 23.68
N ALA A 61 3.81 -12.12 23.88
CA ALA A 61 4.96 -13.01 23.70
C ALA A 61 5.47 -13.04 22.27
N TYR A 62 4.63 -12.72 21.28
CA TYR A 62 5.09 -12.73 19.90
C TYR A 62 6.28 -11.79 19.68
N ILE A 63 6.41 -10.77 20.53
CA ILE A 63 7.51 -9.81 20.35
C ILE A 63 8.84 -10.50 20.50
N LEU A 64 8.94 -11.48 21.39
CA LEU A 64 10.21 -12.17 21.62
C LEU A 64 10.81 -12.68 20.31
N ALA A 65 9.97 -13.11 19.37
CA ALA A 65 10.40 -13.55 18.06
C ALA A 65 10.45 -12.40 17.05
N VAL A 66 9.39 -11.61 16.97
CA VAL A 66 9.27 -10.63 15.91
C VAL A 66 10.36 -9.57 16.03
N ASN A 67 10.55 -9.01 17.22
CA ASN A 67 11.52 -7.94 17.39
C ASN A 67 12.92 -8.42 17.05
N ALA A 68 13.30 -9.60 17.54
CA ALA A 68 14.63 -10.12 17.26
C ALA A 68 14.82 -10.35 15.77
N SER A 69 13.83 -10.94 15.10
CA SER A 69 13.97 -11.19 13.67
C SER A 69 14.10 -9.89 12.89
N ILE A 70 13.23 -8.92 13.19
CA ILE A 70 13.23 -7.67 12.45
C ILE A 70 14.54 -6.92 12.65
N LEU A 71 15.04 -6.87 13.89
CA LEU A 71 16.29 -6.16 14.15
C LEU A 71 17.49 -6.91 13.59
N SER A 72 17.43 -8.24 13.53
CA SER A 72 18.49 -9.00 12.88
C SER A 72 18.56 -8.70 11.40
N ASP A 73 17.39 -8.49 10.77
CA ASP A 73 17.38 -8.09 9.38
C ASP A 73 18.13 -6.79 9.15
N SER A 74 18.31 -5.97 10.19
CA SER A 74 19.04 -4.73 10.06
C SER A 74 20.52 -4.95 9.76
N GLY A 75 21.04 -6.14 10.02
CA GLY A 75 22.43 -6.45 9.81
C GLY A 75 23.29 -6.37 11.06
N GLY A 76 22.85 -5.66 12.09
CA GLY A 76 23.60 -5.62 13.32
C GLY A 76 24.75 -4.62 13.29
N THR A 77 25.72 -4.88 14.16
CA THR A 77 26.87 -4.01 14.34
C THR A 77 28.03 -4.34 13.42
N CYS A 78 27.98 -5.43 12.67
CA CYS A 78 29.13 -5.88 11.89
C CYS A 78 28.99 -5.48 10.43
N SER A 79 30.12 -5.16 9.82
CA SER A 79 30.22 -4.64 8.46
C SER A 79 31.04 -5.62 7.62
N VAL A 80 31.42 -5.18 6.42
CA VAL A 80 32.24 -5.96 5.51
C VAL A 80 33.47 -6.52 6.22
N SER A 81 33.84 -5.92 7.36
CA SER A 81 35.05 -6.35 8.05
C SER A 81 35.01 -7.83 8.41
N ASP A 82 33.82 -8.41 8.57
CA ASP A 82 33.68 -9.81 8.93
C ASP A 82 33.29 -10.69 7.75
N CYS A 83 33.29 -10.15 6.53
CA CYS A 83 33.07 -10.95 5.34
C CYS A 83 34.34 -11.72 5.03
N ILE A 84 34.24 -13.05 4.99
CA ILE A 84 35.43 -13.87 4.72
C ILE A 84 35.76 -13.81 3.23
N PRO A 85 37.03 -13.72 2.84
CA PRO A 85 37.35 -13.76 1.41
C PRO A 85 36.90 -15.07 0.78
N LEU A 86 36.39 -14.98 -0.44
CA LEU A 86 35.80 -16.12 -1.13
C LEU A 86 36.63 -16.48 -2.35
N CYS A 87 36.74 -17.78 -2.62
CA CYS A 87 37.53 -18.25 -3.74
C CYS A 87 36.84 -17.95 -5.06
N SER A 88 37.62 -17.96 -6.14
CA SER A 88 37.07 -17.68 -7.46
C SER A 88 36.03 -18.74 -7.86
N ASN A 89 36.31 -20.01 -7.56
CA ASN A 89 35.35 -21.06 -7.89
C ASN A 89 34.58 -21.49 -6.65
N PRO A 90 33.26 -21.68 -6.76
CA PRO A 90 32.48 -22.02 -5.56
C PRO A 90 32.86 -23.35 -4.94
N ALA A 91 33.36 -24.31 -5.73
CA ALA A 91 33.55 -25.66 -5.25
C ALA A 91 34.76 -25.83 -4.34
N ILE A 92 35.62 -24.83 -4.23
CA ILE A 92 36.85 -24.93 -3.43
C ILE A 92 36.73 -23.99 -2.24
N GLU A 93 36.95 -24.53 -1.05
CA GLU A 93 36.91 -23.74 0.16
C GLU A 93 38.10 -22.77 0.19
N PRO A 94 37.91 -21.55 0.71
CA PRO A 94 38.94 -20.52 0.49
C PRO A 94 40.33 -20.92 0.94
N SER A 95 40.47 -21.71 2.01
CA SER A 95 41.80 -22.11 2.45
C SER A 95 42.55 -22.85 1.36
N GLN A 96 41.82 -23.53 0.46
CA GLN A 96 42.42 -24.25 -0.65
C GLN A 96 42.47 -23.40 -1.93
N CYS A 97 42.31 -22.09 -1.81
CA CYS A 97 42.27 -21.20 -2.96
C CYS A 97 43.68 -20.81 -3.40
N THR A 98 44.47 -21.82 -3.73
CA THR A 98 45.82 -21.62 -4.23
C THR A 98 46.04 -22.59 -5.39
N GLY A 99 46.38 -22.04 -6.55
CA GLY A 99 46.59 -22.84 -7.74
C GLY A 99 46.72 -22.00 -8.99
N PRO A 100 46.67 -22.64 -10.15
CA PRO A 100 46.80 -21.89 -11.41
C PRO A 100 45.52 -21.12 -11.73
N GLY A 101 45.67 -19.82 -11.99
CA GLY A 101 44.53 -18.99 -12.28
C GLY A 101 43.50 -18.93 -11.18
N LEU A 102 43.92 -19.14 -9.93
CA LEU A 102 43.02 -19.19 -8.79
C LEU A 102 43.41 -18.09 -7.81
N ARG A 103 42.41 -17.33 -7.36
CA ARG A 103 42.64 -16.19 -6.50
C ARG A 103 41.50 -16.06 -5.50
N LEU A 104 41.78 -15.34 -4.41
CA LEU A 104 40.77 -15.04 -3.40
C LEU A 104 40.21 -13.65 -3.65
N ILE A 105 38.88 -13.56 -3.79
CA ILE A 105 38.20 -12.30 -4.03
C ILE A 105 38.02 -11.61 -2.68
N GLN A 106 38.59 -10.42 -2.55
CA GLN A 106 38.41 -9.66 -1.31
C GLN A 106 36.99 -9.15 -1.22
N PRO A 107 36.37 -9.21 -0.03
CA PRO A 107 34.99 -8.74 0.09
C PRO A 107 34.89 -7.22 -0.05
N ASP A 108 33.74 -6.78 -0.53
CA ASP A 108 33.39 -5.37 -0.61
C ASP A 108 31.99 -5.19 0.01
N VAL A 109 31.42 -4.00 -0.18
CA VAL A 109 30.08 -3.74 0.35
C VAL A 109 29.10 -4.77 -0.18
N SER A 110 29.25 -5.19 -1.44
CA SER A 110 28.34 -6.16 -2.04
C SER A 110 28.34 -7.49 -1.29
N CYS A 111 29.35 -7.76 -0.48
CA CYS A 111 29.36 -8.99 0.31
C CYS A 111 28.20 -9.05 1.30
N LYS A 112 27.61 -7.90 1.64
CA LYS A 112 26.52 -7.88 2.61
C LYS A 112 25.18 -8.28 2.01
N PHE A 113 25.08 -8.39 0.69
CA PHE A 113 23.83 -8.61 -0.01
C PHE A 113 23.94 -9.83 -0.93
N ASN A 114 22.85 -10.11 -1.62
CA ASN A 114 22.76 -11.34 -2.42
C ASN A 114 23.86 -11.38 -3.47
N PRO A 115 24.70 -12.43 -3.50
CA PRO A 115 24.77 -13.56 -2.57
C PRO A 115 25.51 -13.19 -1.30
N VAL A 116 24.84 -13.36 -0.15
CA VAL A 116 25.41 -12.91 1.12
C VAL A 116 26.65 -13.73 1.44
N ASN A 117 27.70 -13.04 1.86
CA ASN A 117 28.93 -13.72 2.24
C ASN A 117 28.67 -14.62 3.45
N PRO A 118 29.23 -15.83 3.49
CA PRO A 118 28.96 -16.70 4.65
C PRO A 118 29.37 -16.08 5.97
N GLY A 119 30.49 -15.35 6.01
CA GLY A 119 30.90 -14.72 7.25
C GLY A 119 29.89 -13.69 7.74
N TYR A 120 29.38 -12.87 6.82
CA TYR A 120 28.38 -11.88 7.20
C TYR A 120 27.11 -12.55 7.69
N ALA A 121 26.68 -13.65 7.03
CA ALA A 121 25.50 -14.36 7.50
C ALA A 121 25.71 -14.94 8.89
N ALA A 122 26.90 -15.50 9.15
CA ALA A 122 27.18 -16.02 10.49
C ALA A 122 27.13 -14.90 11.53
N CYS A 123 27.70 -13.74 11.20
CA CYS A 123 27.63 -12.62 12.13
C CYS A 123 26.19 -12.17 12.34
N VAL A 124 25.37 -12.22 11.29
CA VAL A 124 23.98 -11.83 11.42
C VAL A 124 23.23 -12.78 12.33
N GLU A 125 23.56 -14.08 12.26
CA GLU A 125 22.93 -15.03 13.17
C GLU A 125 23.37 -14.78 14.62
N GLU A 126 24.66 -14.50 14.82
CA GLU A 126 25.11 -14.14 16.16
C GLU A 126 24.42 -12.88 16.65
N ILE A 127 24.23 -11.89 15.77
CA ILE A 127 23.51 -10.68 16.11
C ILE A 127 22.06 -11.01 16.45
N ARG A 128 21.48 -11.99 15.77
CA ARG A 128 20.11 -12.37 16.08
C ARG A 128 20.01 -12.94 17.49
N LYS A 129 20.98 -13.77 17.88
CA LYS A 129 21.00 -14.25 19.26
C LYS A 129 21.15 -13.07 20.23
N ASP A 130 22.08 -12.17 19.93
CA ASP A 130 22.28 -11.01 20.79
C ASP A 130 21.00 -10.19 20.92
N LEU A 131 20.27 -10.03 19.82
CA LEU A 131 19.07 -9.19 19.83
C LEU A 131 17.91 -9.89 20.49
N ILE A 132 17.84 -11.23 20.43
CA ILE A 132 16.86 -11.94 21.23
C ILE A 132 17.09 -11.66 22.70
N VAL A 133 18.33 -11.82 23.16
CA VAL A 133 18.62 -11.56 24.56
C VAL A 133 18.37 -10.09 24.89
N ALA A 134 18.71 -9.18 23.97
CA ALA A 134 18.52 -7.76 24.21
C ALA A 134 17.04 -7.41 24.32
N THR A 135 16.21 -7.99 23.46
CA THR A 135 14.77 -7.75 23.56
C THR A 135 14.24 -8.24 24.89
N VAL A 136 14.64 -9.45 25.29
CA VAL A 136 14.14 -9.99 26.55
C VAL A 136 14.57 -9.10 27.71
N ALA A 137 15.85 -8.70 27.72
CA ALA A 137 16.39 -7.92 28.83
C ALA A 137 15.75 -6.53 28.89
N ALA A 138 15.60 -5.88 27.73
CA ALA A 138 14.99 -4.56 27.70
C ALA A 138 13.54 -4.60 28.14
N SER A 139 12.79 -5.61 27.67
CA SER A 139 11.41 -5.74 28.12
C SER A 139 11.34 -5.99 29.62
N LEU A 140 12.21 -6.87 30.13
CA LEU A 140 12.24 -7.15 31.56
C LEU A 140 12.51 -5.89 32.37
N ILE A 141 13.53 -5.13 31.96
CA ILE A 141 13.93 -3.94 32.72
C ILE A 141 12.83 -2.88 32.65
N GLY A 142 12.25 -2.68 31.47
CA GLY A 142 11.16 -1.72 31.36
C GLY A 142 9.97 -2.10 32.21
N CYS A 143 9.61 -3.39 32.21
CA CYS A 143 8.49 -3.84 33.03
C CYS A 143 8.78 -3.63 34.51
N VAL A 144 10.00 -3.95 34.94
CA VAL A 144 10.34 -3.80 36.36
C VAL A 144 10.30 -2.32 36.74
N ILE A 145 10.85 -1.45 35.90
CA ILE A 145 10.86 -0.02 36.21
C ILE A 145 9.44 0.51 36.28
N MET A 146 8.59 0.12 35.33
CA MET A 146 7.21 0.58 35.35
C MET A 146 6.47 0.07 36.57
N GLY A 147 6.69 -1.20 36.95
CA GLY A 147 6.02 -1.75 38.11
C GLY A 147 6.44 -1.10 39.41
N LEU A 148 7.74 -0.81 39.56
CA LEU A 148 8.24 -0.27 40.81
C LEU A 148 8.06 1.25 40.90
N MET A 149 8.58 1.98 39.91
CA MET A 149 8.53 3.43 39.93
C MET A 149 7.12 3.97 39.74
N ALA A 150 6.39 3.45 38.75
CA ALA A 150 5.06 3.95 38.42
C ALA A 150 3.94 3.18 39.10
N ASN A 151 4.16 1.91 39.41
CA ASN A 151 3.14 1.09 40.07
C ASN A 151 1.89 0.98 39.20
N LEU A 152 2.07 0.55 37.96
CA LEU A 152 0.98 0.34 37.02
C LEU A 152 1.11 -1.03 36.38
N PRO A 153 -0.01 -1.65 35.97
CA PRO A 153 0.02 -2.97 35.34
C PRO A 153 0.33 -2.93 33.85
N LEU A 154 1.37 -2.21 33.48
CA LEU A 154 1.76 -2.01 32.09
C LEU A 154 3.05 -2.76 31.80
N ALA A 155 3.10 -3.39 30.64
CA ALA A 155 4.26 -4.14 30.19
C ALA A 155 4.96 -3.39 29.07
N LEU A 156 6.28 -3.26 29.18
CA LEU A 156 7.09 -2.54 28.20
C LEU A 156 7.89 -3.53 27.38
N ALA A 157 8.06 -3.23 26.10
CA ALA A 157 8.87 -4.06 25.22
C ALA A 157 9.15 -3.28 23.94
N PRO A 158 10.13 -3.72 23.15
CA PRO A 158 10.41 -3.02 21.88
C PRO A 158 9.17 -2.91 21.02
N GLY A 159 8.75 -1.67 20.77
CA GLY A 159 7.50 -1.46 20.06
C GLY A 159 7.57 -1.98 18.64
N MET A 160 6.42 -2.46 18.15
CA MET A 160 6.36 -2.99 16.80
C MET A 160 6.44 -1.88 15.76
N GLY A 161 5.85 -0.72 16.06
CA GLY A 161 5.91 0.38 15.12
C GLY A 161 7.33 0.79 14.79
N THR A 162 8.19 0.86 15.82
CA THR A 162 9.55 1.32 15.63
C THR A 162 10.52 0.22 15.22
N ASN A 163 10.19 -1.05 15.45
CA ASN A 163 11.09 -2.14 15.05
C ASN A 163 11.40 -2.07 13.56
N ALA A 164 10.34 -2.04 12.74
CA ALA A 164 10.53 -2.05 11.30
C ALA A 164 11.19 -0.77 10.81
N TYR A 165 10.80 0.37 11.38
CA TYR A 165 11.41 1.63 10.97
C TYR A 165 12.91 1.62 11.26
N PHE A 166 13.29 1.15 12.45
CA PHE A 166 14.70 1.09 12.81
C PHE A 166 15.46 0.12 11.92
N ALA A 167 14.86 -1.04 11.62
CA ALA A 167 15.60 -2.10 10.95
C ALA A 167 15.70 -1.87 9.45
N TYR A 168 14.59 -1.51 8.81
CA TYR A 168 14.53 -1.47 7.35
C TYR A 168 14.61 -0.08 6.76
N THR A 169 14.40 0.96 7.57
CA THR A 169 14.42 2.34 7.06
C THR A 169 15.59 3.13 7.63
N VAL A 170 15.72 3.22 8.95
CA VAL A 170 16.81 3.98 9.54
C VAL A 170 18.15 3.34 9.22
N VAL A 171 18.25 2.02 9.43
CA VAL A 171 19.49 1.30 9.19
C VAL A 171 19.47 0.58 7.85
N GLY A 172 18.30 0.11 7.41
CA GLY A 172 18.19 -0.60 6.17
C GLY A 172 18.55 -2.07 6.31
N PHE A 173 18.16 -2.85 5.31
CA PHE A 173 18.45 -4.28 5.31
C PHE A 173 19.95 -4.49 5.16
N HIS A 174 20.55 -5.18 6.13
CA HIS A 174 21.99 -5.45 6.13
C HIS A 174 22.79 -4.15 5.99
N GLY A 175 22.33 -3.11 6.68
CA GLY A 175 23.04 -1.85 6.69
C GLY A 175 23.06 -1.14 5.36
N SER A 176 21.97 -1.19 4.61
CA SER A 176 21.86 -0.47 3.34
C SER A 176 21.28 0.92 3.50
N GLY A 177 20.85 1.30 4.70
CA GLY A 177 20.30 2.61 4.95
C GLY A 177 21.37 3.67 5.10
N SER A 178 20.92 4.91 5.26
CA SER A 178 21.82 6.04 5.35
C SER A 178 22.51 6.16 6.70
N ILE A 179 22.01 5.45 7.71
CA ILE A 179 22.52 5.55 9.08
C ILE A 179 22.96 4.16 9.52
N SER A 180 24.15 4.07 10.10
CA SER A 180 24.66 2.79 10.57
C SER A 180 23.88 2.33 11.81
N TYR A 181 23.99 1.04 12.10
CA TYR A 181 23.27 0.47 13.23
C TYR A 181 23.68 1.13 14.55
N ARG A 182 24.99 1.33 14.74
CA ARG A 182 25.45 1.99 15.95
C ARG A 182 24.96 3.43 16.03
N THR A 183 24.98 4.13 14.89
CA THR A 183 24.46 5.49 14.88
C THR A 183 22.97 5.52 15.15
N ALA A 184 22.23 4.53 14.64
CA ALA A 184 20.81 4.44 14.95
C ALA A 184 20.57 4.16 16.43
N LEU A 185 21.42 3.34 17.05
CA LEU A 185 21.32 3.11 18.49
C LEU A 185 21.58 4.40 19.26
N ALA A 186 22.57 5.18 18.82
CA ALA A 186 22.82 6.47 19.46
C ALA A 186 21.62 7.40 19.28
N ALA A 187 20.98 7.36 18.11
CA ALA A 187 19.80 8.16 17.90
C ALA A 187 18.68 7.76 18.84
N VAL A 188 18.48 6.45 19.03
CA VAL A 188 17.44 5.99 19.96
C VAL A 188 17.78 6.39 21.39
N PHE A 189 19.06 6.31 21.76
CA PHE A 189 19.48 6.72 23.09
C PHE A 189 19.18 8.19 23.34
N ILE A 190 19.57 9.06 22.39
CA ILE A 190 19.34 10.48 22.56
C ILE A 190 17.85 10.79 22.53
N GLU A 191 17.09 10.05 21.70
CA GLU A 191 15.65 10.25 21.66
C GLU A 191 15.00 9.89 22.99
N GLY A 192 15.43 8.79 23.60
CA GLY A 192 14.94 8.45 24.92
C GLY A 192 15.29 9.51 25.95
N LEU A 193 16.51 10.04 25.88
CA LEU A 193 16.89 11.11 26.80
C LEU A 193 16.02 12.34 26.60
N ILE A 194 15.76 12.72 25.36
CA ILE A 194 14.94 13.90 25.07
C ILE A 194 13.52 13.68 25.57
N PHE A 195 12.98 12.48 25.33
CA PHE A 195 11.63 12.16 25.80
C PHE A 195 11.56 12.25 27.32
N LEU A 196 12.57 11.70 28.00
CA LEU A 196 12.62 11.78 29.46
C LEU A 196 12.67 13.24 29.91
N PHE A 197 13.47 14.05 29.23
CA PHE A 197 13.59 15.46 29.62
C PHE A 197 12.25 16.17 29.47
N ILE A 198 11.61 16.04 28.31
CA ILE A 198 10.37 16.78 28.09
C ILE A 198 9.26 16.28 29.00
N SER A 199 9.23 14.96 29.28
CA SER A 199 8.24 14.44 30.21
C SER A 199 8.47 14.96 31.61
N ALA A 200 9.74 15.06 32.02
CA ALA A 200 10.05 15.53 33.37
C ALA A 200 9.59 16.95 33.60
N ILE A 201 9.61 17.78 32.56
CA ILE A 201 9.22 19.19 32.69
C ILE A 201 7.81 19.44 32.15
N GLY A 202 7.03 18.39 31.95
CA GLY A 202 5.64 18.55 31.54
C GLY A 202 5.45 19.19 30.18
N PHE A 203 6.47 19.14 29.33
CA PHE A 203 6.42 19.79 28.02
C PHE A 203 6.02 18.81 26.92
N ARG A 204 5.69 17.58 27.27
CA ARG A 204 5.35 16.56 26.28
C ARG A 204 4.02 16.85 25.60
N ALA A 205 3.03 17.33 26.36
CA ALA A 205 1.71 17.56 25.78
C ALA A 205 1.77 18.58 24.65
N LYS A 206 2.64 19.59 24.77
CA LYS A 206 2.77 20.58 23.71
C LYS A 206 3.32 19.96 22.42
N LEU A 207 4.32 19.09 22.53
CA LEU A 207 4.77 18.36 21.35
C LEU A 207 3.65 17.51 20.77
N ALA A 208 2.87 16.85 21.64
CA ALA A 208 1.76 16.05 21.15
C ALA A 208 0.79 16.91 20.34
N LYS A 209 0.44 18.09 20.85
CA LYS A 209 -0.45 18.98 20.11
C LYS A 209 0.20 19.53 18.84
N LEU A 210 1.53 19.60 18.79
CA LEU A 210 2.19 20.16 17.62
C LEU A 210 1.93 19.33 16.37
N VAL A 211 1.56 18.07 16.52
CA VAL A 211 1.32 17.20 15.36
C VAL A 211 -0.14 17.36 14.92
N PRO A 212 -0.41 17.53 13.63
CA PRO A 212 -1.80 17.67 13.18
C PRO A 212 -2.63 16.46 13.55
N LYS A 213 -3.90 16.70 13.87
CA LYS A 213 -4.78 15.61 14.29
C LYS A 213 -4.94 14.55 13.23
N PRO A 214 -5.27 14.86 11.97
CA PRO A 214 -5.38 13.78 10.97
C PRO A 214 -4.10 13.00 10.81
N VAL A 215 -2.94 13.66 10.80
CA VAL A 215 -1.67 12.95 10.70
C VAL A 215 -1.45 12.08 11.93
N ARG A 216 -1.75 12.61 13.12
CA ARG A 216 -1.57 11.85 14.34
C ARG A 216 -2.42 10.57 14.33
N ILE A 217 -3.67 10.70 13.89
CA ILE A 217 -4.57 9.54 13.90
C ILE A 217 -4.18 8.54 12.81
N SER A 218 -3.79 9.04 11.64
CA SER A 218 -3.52 8.16 10.51
C SER A 218 -2.11 7.58 10.52
N SER A 219 -1.22 8.07 11.39
CA SER A 219 0.10 7.47 11.48
C SER A 219 0.02 6.03 11.95
N SER A 220 -0.92 5.72 12.86
CA SER A 220 -1.09 4.36 13.30
C SER A 220 -1.50 3.44 12.16
N ALA A 221 -2.46 3.88 11.34
CA ALA A 221 -2.88 3.06 10.20
C ALA A 221 -1.77 2.94 9.17
N GLY A 222 -1.00 4.01 8.96
CA GLY A 222 0.12 3.92 8.04
C GLY A 222 1.18 2.94 8.50
N ILE A 223 1.49 2.96 9.80
CA ILE A 223 2.46 2.01 10.34
C ILE A 223 1.91 0.59 10.25
N GLY A 224 0.61 0.42 10.44
CA GLY A 224 0.01 -0.90 10.26
C GLY A 224 0.12 -1.40 8.84
N LEU A 225 -0.13 -0.52 7.87
CA LEU A 225 0.07 -0.88 6.47
C LEU A 225 1.54 -1.21 6.18
N PHE A 226 2.46 -0.45 6.77
CA PHE A 226 3.88 -0.71 6.59
C PHE A 226 4.26 -2.08 7.14
N LEU A 227 3.77 -2.42 8.34
CA LEU A 227 4.06 -3.71 8.92
C LEU A 227 3.44 -4.84 8.11
N ALA A 228 2.22 -4.64 7.61
CA ALA A 228 1.59 -5.65 6.78
C ALA A 228 2.38 -5.86 5.48
N PHE A 229 2.86 -4.77 4.89
CA PHE A 229 3.67 -4.89 3.68
C PHE A 229 4.95 -5.65 3.96
N ILE A 230 5.58 -5.37 5.11
CA ILE A 230 6.77 -6.14 5.50
C ILE A 230 6.41 -7.61 5.64
N GLY A 231 5.26 -7.91 6.24
CA GLY A 231 4.84 -9.29 6.40
C GLY A 231 4.53 -9.99 5.09
N LEU A 232 4.41 -9.24 3.99
CA LEU A 232 4.17 -9.81 2.67
C LEU A 232 5.41 -9.76 1.78
N GLN A 233 6.55 -9.33 2.32
CA GLN A 233 7.81 -9.41 1.59
C GLN A 233 8.35 -10.83 1.68
N ASN A 234 9.55 -11.05 1.13
CA ASN A 234 10.19 -12.36 1.14
C ASN A 234 11.11 -12.56 2.34
N ASN A 235 12.12 -11.69 2.48
CA ASN A 235 13.06 -11.81 3.58
C ASN A 235 12.46 -11.40 4.91
N GLN A 236 11.20 -11.02 4.94
CA GLN A 236 10.54 -10.49 6.12
C GLN A 236 9.31 -11.27 6.53
N GLY A 237 8.52 -11.73 5.57
CA GLY A 237 7.28 -12.42 5.86
C GLY A 237 7.03 -13.64 5.00
N ILE A 238 5.80 -13.78 4.49
CA ILE A 238 5.39 -15.00 3.80
C ILE A 238 5.55 -14.91 2.29
N GLY A 239 6.11 -13.81 1.77
CA GLY A 239 6.10 -13.60 0.34
C GLY A 239 4.76 -13.04 -0.09
N LEU A 240 4.27 -13.49 -1.24
CA LEU A 240 3.01 -13.08 -1.86
C LEU A 240 3.13 -11.71 -2.51
N VAL A 241 4.24 -11.00 -2.34
CA VAL A 241 4.48 -9.73 -3.02
C VAL A 241 5.92 -9.75 -3.50
N GLY A 242 6.12 -9.80 -4.81
CA GLY A 242 7.43 -9.87 -5.40
C GLY A 242 7.64 -8.76 -6.41
N TYR A 243 8.82 -8.79 -7.03
CA TYR A 243 9.20 -7.76 -7.99
C TYR A 243 8.47 -7.96 -9.30
N SER A 244 8.18 -6.86 -9.99
CA SER A 244 7.58 -6.88 -11.31
C SER A 244 8.19 -5.76 -12.14
N PRO A 245 8.70 -6.06 -13.34
CA PRO A 245 9.34 -5.00 -14.14
C PRO A 245 8.41 -3.85 -14.48
N SER A 246 7.14 -4.14 -14.75
CA SER A 246 6.21 -3.14 -15.25
C SER A 246 5.43 -2.46 -14.13
N THR A 247 5.14 -3.18 -13.05
CA THR A 247 4.29 -2.67 -11.97
C THR A 247 5.04 -2.52 -10.65
N LEU A 248 6.23 -3.10 -10.53
CA LEU A 248 7.08 -2.97 -9.36
C LEU A 248 6.61 -3.83 -8.19
N VAL A 249 5.39 -4.39 -8.28
CA VAL A 249 4.88 -5.32 -7.28
C VAL A 249 3.79 -6.17 -7.93
N THR A 250 3.87 -7.48 -7.75
CA THR A 250 2.84 -8.41 -8.23
C THR A 250 2.80 -9.60 -7.28
N LEU A 251 2.19 -10.69 -7.72
CA LEU A 251 1.95 -11.86 -6.90
C LEU A 251 3.22 -12.71 -6.83
N ALA A 252 3.81 -12.79 -5.63
CA ALA A 252 4.91 -13.70 -5.31
C ALA A 252 4.32 -14.98 -4.74
N ALA A 253 5.10 -15.69 -3.93
CA ALA A 253 4.78 -17.01 -3.38
C ALA A 253 5.08 -18.14 -4.35
N CYS A 254 6.02 -17.91 -5.27
CA CYS A 254 6.59 -19.00 -6.02
C CYS A 254 7.70 -19.66 -5.21
N PRO A 255 8.03 -20.91 -5.50
CA PRO A 255 9.09 -21.58 -4.74
C PRO A 255 10.41 -20.83 -4.85
N ALA A 256 11.20 -20.91 -3.79
CA ALA A 256 12.47 -20.19 -3.74
C ALA A 256 13.37 -20.54 -4.93
N SER A 257 13.27 -21.75 -5.46
CA SER A 257 14.07 -22.12 -6.62
C SER A 257 13.67 -21.35 -7.86
N SER A 258 12.43 -20.90 -7.96
CA SER A 258 11.93 -20.18 -9.13
C SER A 258 11.97 -18.68 -8.94
N ARG A 259 12.93 -18.16 -8.17
CA ARG A 259 13.09 -16.74 -7.96
C ARG A 259 14.50 -16.32 -8.37
N ILE A 260 14.61 -15.13 -8.96
CA ILE A 260 15.88 -14.62 -9.45
C ILE A 260 16.06 -13.19 -8.95
N SER A 261 17.31 -12.75 -8.98
CA SER A 261 17.67 -11.41 -8.52
C SER A 261 17.72 -10.43 -9.69
N LEU A 262 17.64 -9.16 -9.37
CA LEU A 262 17.66 -8.07 -10.35
C LEU A 262 18.94 -7.26 -10.19
N ALA A 263 19.49 -6.80 -11.31
CA ALA A 263 20.67 -5.97 -11.29
C ALA A 263 20.47 -4.76 -12.19
N PRO A 264 21.01 -3.61 -11.83
CA PRO A 264 20.89 -2.43 -12.71
C PRO A 264 21.63 -2.65 -14.02
N VAL A 265 21.09 -2.06 -15.10
CA VAL A 265 21.66 -2.18 -16.43
C VAL A 265 21.54 -0.84 -17.15
N ILE A 266 22.14 -0.79 -18.33
CA ILE A 266 22.16 0.42 -19.15
C ILE A 266 21.46 0.10 -20.46
N THR A 267 20.41 0.86 -20.78
CA THR A 267 19.70 0.69 -22.03
C THR A 267 20.24 1.66 -23.08
N SER A 268 19.89 1.41 -24.34
CA SER A 268 20.37 2.23 -25.44
C SER A 268 19.24 2.35 -26.47
N ALA A 269 19.59 2.83 -27.66
CA ALA A 269 18.60 3.09 -28.70
C ALA A 269 18.47 1.94 -29.70
N ASN A 270 19.13 0.81 -29.46
CA ASN A 270 18.99 -0.37 -30.31
C ASN A 270 18.50 -1.59 -29.57
N GLY A 271 18.83 -1.75 -28.29
CA GLY A 271 18.32 -2.85 -27.50
C GLY A 271 19.36 -3.56 -26.65
N THR A 272 20.63 -3.14 -26.74
CA THR A 272 21.68 -3.74 -25.94
C THR A 272 21.51 -3.35 -24.48
N VAL A 273 21.70 -4.30 -23.58
CA VAL A 273 21.66 -4.07 -22.15
C VAL A 273 22.86 -4.77 -21.51
N SER A 274 23.61 -4.03 -20.70
CA SER A 274 24.80 -4.55 -20.05
C SER A 274 24.75 -4.21 -18.56
N LEU A 275 25.42 -5.04 -17.77
CA LEU A 275 25.42 -4.84 -16.33
C LEU A 275 26.10 -3.53 -15.98
N LEU A 276 25.71 -2.97 -14.84
CA LEU A 276 26.31 -1.74 -14.31
C LEU A 276 27.25 -2.12 -13.16
N ALA A 277 28.54 -1.88 -13.35
CA ALA A 277 29.53 -2.23 -12.34
C ALA A 277 29.19 -1.56 -11.02
N GLY A 278 29.31 -2.33 -9.93
CA GLY A 278 28.97 -1.83 -8.62
C GLY A 278 27.50 -1.82 -8.29
N GLY A 279 26.65 -2.34 -9.18
CA GLY A 279 25.23 -2.32 -8.93
C GLY A 279 24.86 -3.14 -7.70
N SER A 280 23.84 -2.65 -6.99
CA SER A 280 23.37 -3.31 -5.76
C SER A 280 22.37 -4.38 -6.18
N VAL A 281 22.86 -5.61 -6.32
CA VAL A 281 21.98 -6.73 -6.65
C VAL A 281 21.01 -6.97 -5.51
N SER A 282 19.78 -7.32 -5.85
CA SER A 282 18.72 -7.53 -4.87
C SER A 282 18.66 -9.00 -4.47
N GLY A 283 17.79 -9.30 -3.52
CA GLY A 283 17.50 -10.67 -3.17
C GLY A 283 16.62 -11.32 -4.22
N ASP A 284 16.36 -12.61 -4.03
CA ASP A 284 15.53 -13.37 -4.96
C ASP A 284 14.09 -12.93 -4.76
N ILE A 285 13.71 -11.86 -5.46
CA ILE A 285 12.41 -11.24 -5.29
C ILE A 285 11.50 -11.39 -6.49
N MET A 286 12.05 -11.71 -7.67
CA MET A 286 11.27 -11.83 -8.89
C MET A 286 10.93 -13.30 -9.13
N CYS A 287 9.65 -13.58 -9.36
CA CYS A 287 9.20 -14.92 -9.69
C CYS A 287 9.22 -15.10 -11.21
N ILE A 288 9.81 -16.20 -11.67
CA ILE A 288 9.79 -16.52 -13.09
C ILE A 288 8.68 -17.50 -13.44
N HIS A 289 8.25 -18.33 -12.49
CA HIS A 289 7.16 -19.27 -12.73
C HIS A 289 6.76 -19.86 -11.37
N GLY A 290 5.71 -20.68 -11.39
CA GLY A 290 5.24 -21.34 -10.18
C GLY A 290 4.65 -20.42 -9.14
N ARG A 291 3.89 -19.42 -9.57
CA ARG A 291 3.27 -18.49 -8.63
C ARG A 291 2.26 -19.21 -7.75
N MET A 292 2.15 -18.76 -6.50
CA MET A 292 1.21 -19.33 -5.53
C MET A 292 1.46 -20.83 -5.32
N GLU A 293 2.71 -21.25 -5.44
CA GLU A 293 3.09 -22.64 -5.21
C GLU A 293 4.13 -22.80 -4.11
N SER A 294 4.53 -21.71 -3.45
CA SER A 294 5.56 -21.79 -2.43
C SER A 294 5.01 -22.50 -1.20
N PRO A 295 5.58 -23.63 -0.77
CA PRO A 295 5.08 -24.27 0.45
C PRO A 295 5.25 -23.40 1.70
N THR A 296 6.31 -22.59 1.75
CA THR A 296 6.49 -21.69 2.89
C THR A 296 5.38 -20.65 2.96
N PHE A 297 4.96 -20.13 1.80
CA PHE A 297 3.87 -19.16 1.79
C PHE A 297 2.59 -19.79 2.31
N TRP A 298 2.30 -21.03 1.94
CA TRP A 298 1.08 -21.68 2.40
C TRP A 298 1.16 -22.05 3.86
N LEU A 299 2.35 -22.42 4.36
CA LEU A 299 2.50 -22.62 5.80
C LEU A 299 2.27 -21.31 6.55
N GLY A 300 2.77 -20.21 6.01
CA GLY A 300 2.49 -18.91 6.61
C GLY A 300 1.02 -18.58 6.58
N ILE A 301 0.32 -18.97 5.50
CA ILE A 301 -1.12 -18.74 5.42
C ILE A 301 -1.85 -19.56 6.48
N VAL A 302 -1.38 -20.80 6.71
CA VAL A 302 -1.98 -21.61 7.76
C VAL A 302 -1.78 -20.96 9.12
N GLY A 303 -0.57 -20.46 9.38
CA GLY A 303 -0.34 -19.71 10.62
C GLY A 303 -1.21 -18.48 10.72
N PHE A 304 -1.41 -17.78 9.60
CA PHE A 304 -2.31 -16.64 9.57
C PHE A 304 -3.72 -17.04 9.97
N VAL A 305 -4.21 -18.15 9.43
CA VAL A 305 -5.56 -18.61 9.77
C VAL A 305 -5.64 -18.97 11.24
N ILE A 306 -4.59 -19.61 11.77
CA ILE A 306 -4.60 -19.99 13.18
C ILE A 306 -4.69 -18.75 14.06
N ILE A 307 -3.84 -17.76 13.79
CA ILE A 307 -3.85 -16.54 14.59
C ILE A 307 -5.17 -15.81 14.43
N ALA A 308 -5.74 -15.82 13.23
CA ALA A 308 -7.00 -15.12 12.99
C ALA A 308 -8.13 -15.75 13.79
N TYR A 309 -8.21 -17.08 13.79
CA TYR A 309 -9.23 -17.74 14.61
C TYR A 309 -8.99 -17.52 16.09
N CYS A 310 -7.73 -17.55 16.54
CA CYS A 310 -7.47 -17.30 17.94
C CYS A 310 -7.89 -15.89 18.34
N LEU A 311 -7.66 -14.91 17.46
CA LEU A 311 -8.08 -13.54 17.76
C LEU A 311 -9.60 -13.43 17.74
N VAL A 312 -10.24 -14.05 16.75
CA VAL A 312 -11.70 -14.01 16.66
C VAL A 312 -12.33 -14.67 17.89
N LYS A 313 -11.80 -15.82 18.29
CA LYS A 313 -12.29 -16.54 19.46
C LYS A 313 -11.79 -15.95 20.78
N ASN A 314 -11.17 -14.77 20.75
CA ASN A 314 -10.71 -14.09 21.95
C ASN A 314 -9.75 -14.98 22.74
N VAL A 315 -8.86 -15.66 22.05
CA VAL A 315 -7.88 -16.55 22.68
C VAL A 315 -6.61 -15.76 22.93
N LYS A 316 -6.20 -15.67 24.18
CA LYS A 316 -4.95 -15.00 24.53
C LYS A 316 -3.77 -15.79 23.97
N GLY A 317 -2.79 -15.05 23.45
CA GLY A 317 -1.66 -15.69 22.81
C GLY A 317 -1.93 -16.19 21.41
N ALA A 318 -2.83 -15.55 20.68
CA ALA A 318 -3.11 -15.97 19.31
C ALA A 318 -1.85 -15.97 18.46
N MET A 319 -1.13 -14.85 18.46
CA MET A 319 0.04 -14.73 17.60
C MET A 319 1.14 -15.69 18.02
N ILE A 320 1.35 -15.89 19.32
CA ILE A 320 2.38 -16.82 19.75
C ILE A 320 1.99 -18.25 19.36
N TYR A 321 0.69 -18.58 19.43
CA TYR A 321 0.27 -19.92 19.01
C TYR A 321 0.52 -20.14 17.53
N GLY A 322 0.18 -19.15 16.68
CA GLY A 322 0.43 -19.30 15.27
C GLY A 322 1.90 -19.38 14.94
N ILE A 323 2.71 -18.53 15.58
CA ILE A 323 4.15 -18.58 15.37
C ILE A 323 4.71 -19.92 15.80
N VAL A 324 4.23 -20.45 16.94
CA VAL A 324 4.71 -21.74 17.42
C VAL A 324 4.36 -22.83 16.42
N PHE A 325 3.14 -22.82 15.90
CA PHE A 325 2.75 -23.84 14.93
C PHE A 325 3.64 -23.79 13.70
N VAL A 326 3.80 -22.60 13.10
CA VAL A 326 4.58 -22.50 11.88
C VAL A 326 6.04 -22.88 12.16
N THR A 327 6.60 -22.40 13.27
CA THR A 327 7.98 -22.67 13.59
C THR A 327 8.21 -24.15 13.85
N ALA A 328 7.30 -24.81 14.57
CA ALA A 328 7.45 -26.23 14.83
C ALA A 328 7.36 -27.02 13.54
N VAL A 329 6.46 -26.64 12.63
CA VAL A 329 6.40 -27.31 11.34
C VAL A 329 7.69 -27.08 10.56
N SER A 330 8.33 -25.92 10.75
CA SER A 330 9.57 -25.62 10.06
C SER A 330 10.80 -26.20 10.74
N TRP A 331 10.66 -26.74 11.94
CA TRP A 331 11.80 -27.31 12.65
C TRP A 331 12.21 -28.67 12.12
N PHE A 332 11.39 -29.30 11.27
CA PHE A 332 11.80 -30.54 10.64
C PHE A 332 12.85 -30.27 9.57
N ARG A 333 13.76 -31.22 9.42
CA ARG A 333 15.04 -30.94 8.78
C ARG A 333 15.03 -31.05 7.26
N ASN A 334 14.22 -31.93 6.68
CA ASN A 334 14.34 -32.28 5.27
C ASN A 334 13.02 -32.04 4.54
N THR A 335 12.44 -30.89 4.76
CA THR A 335 11.22 -30.47 4.09
C THR A 335 11.47 -29.18 3.32
N GLU A 336 10.49 -28.79 2.51
CA GLU A 336 10.58 -27.57 1.73
C GLU A 336 10.28 -26.32 2.56
N VAL A 337 9.78 -26.48 3.77
CA VAL A 337 9.50 -25.36 4.68
C VAL A 337 10.42 -25.39 5.90
N THR A 338 11.54 -26.10 5.79
CA THR A 338 12.43 -26.26 6.93
C THR A 338 13.15 -24.95 7.26
N ALA A 339 13.37 -24.73 8.55
CA ALA A 339 14.17 -23.59 9.01
C ALA A 339 15.65 -23.89 9.04
N PHE A 340 16.05 -25.14 8.78
CA PHE A 340 17.44 -25.56 8.81
C PHE A 340 17.76 -26.29 7.52
N PRO A 341 17.96 -25.56 6.42
CA PRO A 341 18.28 -26.21 5.14
C PRO A 341 19.58 -26.98 5.23
N ASN A 342 19.73 -27.94 4.32
CA ASN A 342 20.91 -28.79 4.30
C ASN A 342 22.13 -28.03 3.79
N THR A 343 22.58 -27.04 4.56
CA THR A 343 23.75 -26.24 4.22
C THR A 343 24.55 -26.01 5.48
N SER A 344 25.73 -25.40 5.33
CA SER A 344 26.57 -25.12 6.49
C SER A 344 25.87 -24.17 7.46
N ALA A 345 25.26 -23.10 6.94
CA ALA A 345 24.50 -22.20 7.80
C ALA A 345 23.32 -22.92 8.43
N GLY A 346 22.60 -23.72 7.65
CA GLY A 346 21.49 -24.49 8.21
C GLY A 346 21.96 -25.50 9.24
N ASP A 347 23.09 -26.15 8.98
CA ASP A 347 23.64 -27.10 9.95
C ASP A 347 24.00 -26.40 11.26
N ALA A 348 24.62 -25.22 11.18
CA ALA A 348 24.95 -24.48 12.39
C ALA A 348 23.69 -24.04 13.13
N ALA A 349 22.69 -23.58 12.40
CA ALA A 349 21.43 -23.19 13.04
C ALA A 349 20.79 -24.37 13.74
N HIS A 350 20.77 -25.53 13.10
CA HIS A 350 20.19 -26.71 13.73
C HIS A 350 21.01 -27.15 14.94
N ASP A 351 22.34 -27.04 14.86
CA ASP A 351 23.16 -27.40 16.00
C ASP A 351 22.88 -26.49 17.19
N TYR A 352 22.72 -25.19 16.95
CA TYR A 352 22.35 -24.30 18.04
C TYR A 352 20.94 -24.60 18.55
N PHE A 353 20.02 -24.96 17.66
CA PHE A 353 18.66 -25.25 18.07
C PHE A 353 18.58 -26.54 18.90
N LYS A 354 19.48 -27.48 18.65
CA LYS A 354 19.46 -28.74 19.39
C LYS A 354 19.48 -28.49 20.89
N LYS A 355 20.39 -27.63 21.35
CA LYS A 355 20.40 -27.24 22.76
C LYS A 355 19.15 -26.42 23.04
N ILE A 356 18.18 -27.03 23.74
CA ILE A 356 16.92 -26.34 23.97
C ILE A 356 17.13 -25.08 24.79
N VAL A 357 17.98 -25.16 25.81
CA VAL A 357 18.22 -24.05 26.74
C VAL A 357 19.65 -23.58 26.59
N ASP A 358 19.83 -22.26 26.52
CA ASP A 358 21.14 -21.66 26.40
C ASP A 358 21.12 -20.29 27.06
N VAL A 359 22.15 -20.02 27.86
CA VAL A 359 22.31 -18.71 28.49
C VAL A 359 23.24 -17.91 27.59
N HIS A 360 22.65 -17.19 26.65
CA HIS A 360 23.42 -16.38 25.73
C HIS A 360 23.76 -15.03 26.37
N VAL A 361 24.97 -14.54 26.08
CA VAL A 361 25.46 -13.26 26.59
C VAL A 361 25.64 -12.33 25.41
N ILE A 362 25.09 -11.12 25.53
CA ILE A 362 25.21 -10.15 24.45
C ILE A 362 26.68 -9.79 24.29
N LYS A 363 27.22 -9.94 23.08
CA LYS A 363 28.61 -9.66 22.82
C LYS A 363 28.85 -8.57 21.78
N HIS A 364 27.83 -8.23 20.98
CA HIS A 364 28.01 -7.26 19.90
C HIS A 364 27.10 -6.05 20.06
N THR A 365 25.82 -6.23 20.33
CA THR A 365 24.86 -5.14 20.34
C THR A 365 24.77 -4.42 21.68
N ALA A 366 25.42 -4.94 22.73
CA ALA A 366 25.38 -4.30 24.04
C ALA A 366 26.41 -3.18 24.11
N GLY A 367 25.95 -1.98 24.43
CA GLY A 367 26.85 -0.83 24.49
C GLY A 367 27.50 -0.50 23.17
N ALA A 368 26.75 -0.60 22.07
CA ALA A 368 27.26 -0.35 20.73
C ALA A 368 26.88 1.04 20.23
N LEU A 369 26.72 2.01 21.13
CA LEU A 369 26.37 3.36 20.72
C LEU A 369 27.52 4.00 19.95
N SER A 370 27.17 4.85 18.99
CA SER A 370 28.16 5.57 18.21
C SER A 370 27.56 6.92 17.82
N PHE A 371 28.23 8.00 18.22
CA PHE A 371 27.73 9.36 18.00
C PHE A 371 28.42 10.05 16.82
N SER A 372 28.95 9.27 15.88
CA SER A 372 29.63 9.86 14.73
C SER A 372 28.66 10.62 13.82
N GLY A 373 27.45 10.11 13.66
CA GLY A 373 26.50 10.65 12.71
C GLY A 373 25.58 11.72 13.23
N ILE A 374 25.89 12.34 14.38
CA ILE A 374 25.01 13.37 14.92
C ILE A 374 24.84 14.51 13.92
N ASN A 375 25.93 14.93 13.29
CA ASN A 375 25.85 16.05 12.35
C ASN A 375 25.03 15.72 11.12
N LYS A 376 24.92 14.43 10.76
CA LYS A 376 24.16 14.05 9.58
C LYS A 376 22.69 14.41 9.76
N GLY A 377 22.04 14.78 8.65
CA GLY A 377 20.62 15.07 8.69
C GLY A 377 19.73 13.86 8.79
N HIS A 378 20.17 12.71 8.27
CA HIS A 378 19.39 11.48 8.41
C HIS A 378 19.35 11.00 9.84
N PHE A 379 20.43 11.22 10.60
CA PHE A 379 20.41 10.91 12.02
C PHE A 379 19.28 11.64 12.71
N TRP A 380 19.14 12.93 12.45
CA TRP A 380 18.10 13.72 13.11
C TRP A 380 16.72 13.42 12.54
N GLU A 381 16.61 13.07 11.26
CA GLU A 381 15.33 12.59 10.76
C GLU A 381 14.87 11.36 11.54
N ALA A 382 15.75 10.37 11.66
CA ALA A 382 15.40 9.16 12.42
C ALA A 382 15.12 9.49 13.87
N LEU A 383 15.91 10.37 14.47
CA LEU A 383 15.72 10.72 15.87
C LEU A 383 14.35 11.37 16.09
N VAL A 384 13.98 12.32 15.24
CA VAL A 384 12.71 13.01 15.42
C VAL A 384 11.54 12.07 15.14
N THR A 385 11.69 11.18 14.15
CA THR A 385 10.63 10.21 13.90
C THR A 385 10.45 9.29 15.09
N PHE A 386 11.55 8.79 15.65
CA PHE A 386 11.46 7.98 16.86
C PHE A 386 10.78 8.75 17.98
N LEU A 387 11.21 9.99 18.19
CA LEU A 387 10.70 10.79 19.30
C LEU A 387 9.20 11.00 19.18
N TYR A 388 8.73 11.36 17.99
CA TYR A 388 7.31 11.66 17.84
C TYR A 388 6.46 10.39 17.80
N VAL A 389 6.94 9.32 17.18
CA VAL A 389 6.22 8.05 17.25
C VAL A 389 6.07 7.64 18.70
N ASP A 390 7.15 7.72 19.48
CA ASP A 390 7.08 7.34 20.89
C ASP A 390 6.16 8.27 21.66
N ILE A 391 6.24 9.58 21.42
CA ILE A 391 5.38 10.51 22.16
C ILE A 391 3.92 10.19 21.92
N LEU A 392 3.52 10.12 20.65
CA LEU A 392 2.11 9.89 20.33
C LEU A 392 1.66 8.52 20.81
N ASP A 393 2.42 7.48 20.48
CA ASP A 393 2.05 6.13 20.86
C ASP A 393 1.94 5.98 22.37
N THR A 394 2.95 6.47 23.10
CA THR A 394 2.95 6.29 24.55
C THR A 394 1.83 7.09 25.19
N THR A 395 1.60 8.32 24.74
CA THR A 395 0.48 9.09 25.29
C THR A 395 -0.83 8.37 25.08
N GLY A 396 -1.12 7.99 23.83
CA GLY A 396 -2.39 7.33 23.55
C GLY A 396 -2.54 6.03 24.31
N THR A 397 -1.51 5.18 24.29
CA THR A 397 -1.60 3.88 24.94
C THR A 397 -1.72 4.02 26.45
N LEU A 398 -0.91 4.89 27.06
CA LEU A 398 -0.95 5.03 28.51
C LEU A 398 -2.31 5.56 28.96
N TYR A 399 -2.86 6.55 28.26
CA TYR A 399 -4.15 7.06 28.69
C TYR A 399 -5.27 6.07 28.41
N SER A 400 -5.17 5.30 27.32
CA SER A 400 -6.18 4.28 27.05
C SER A 400 -6.15 3.19 28.13
N MET A 401 -4.95 2.77 28.54
CA MET A 401 -4.85 1.78 29.60
C MET A 401 -5.33 2.33 30.94
N ALA A 402 -5.05 3.61 31.21
CA ALA A 402 -5.58 4.22 32.43
C ALA A 402 -7.10 4.23 32.42
N ARG A 403 -7.70 4.54 31.27
CA ARG A 403 -9.16 4.45 31.16
C ARG A 403 -9.64 3.03 31.38
N PHE A 404 -8.94 2.04 30.80
CA PHE A 404 -9.31 0.65 30.96
C PHE A 404 -9.31 0.25 32.44
N ALA A 405 -8.27 0.63 33.17
CA ALA A 405 -8.15 0.29 34.57
C ALA A 405 -8.93 1.23 35.48
N GLY A 406 -9.56 2.26 34.92
CA GLY A 406 -10.33 3.19 35.73
C GLY A 406 -9.52 4.03 36.67
N PHE A 407 -8.31 4.42 36.27
CA PHE A 407 -7.46 5.30 37.07
C PHE A 407 -7.59 6.76 36.65
N VAL A 408 -8.28 7.05 35.55
CA VAL A 408 -8.40 8.41 35.04
C VAL A 408 -9.49 9.13 35.81
N ASP A 409 -9.16 10.27 36.41
CA ASP A 409 -10.11 11.06 37.17
C ASP A 409 -10.78 12.08 36.25
N GLU A 410 -11.52 13.02 36.85
CA GLU A 410 -12.23 14.01 36.04
C GLU A 410 -11.27 14.90 35.26
N LYS A 411 -10.14 15.28 35.89
CA LYS A 411 -9.18 16.15 35.24
C LYS A 411 -8.41 15.45 34.13
N GLY A 412 -8.39 14.13 34.11
CA GLY A 412 -7.63 13.38 33.14
C GLY A 412 -6.30 12.85 33.64
N ASP A 413 -6.00 13.00 34.92
CA ASP A 413 -4.76 12.53 35.52
C ASP A 413 -5.01 11.22 36.24
N PHE A 414 -4.14 10.24 36.01
CA PHE A 414 -4.25 8.94 36.65
C PHE A 414 -3.07 8.68 37.58
N ALA A 415 -2.71 9.68 38.37
CA ALA A 415 -1.78 9.52 39.48
C ALA A 415 -0.35 9.28 39.01
N GLY A 416 -0.07 8.07 38.52
CA GLY A 416 1.29 7.68 38.21
C GLY A 416 1.70 7.97 36.78
N GLN A 417 0.98 8.86 36.10
CA GLN A 417 1.29 9.14 34.70
C GLN A 417 2.69 9.73 34.57
N TYR A 418 3.05 10.65 35.45
CA TYR A 418 4.37 11.28 35.38
C TYR A 418 5.46 10.21 35.42
N PHE A 419 5.46 9.39 36.47
CA PHE A 419 6.44 8.33 36.58
C PHE A 419 6.25 7.25 35.52
N ALA A 420 5.03 7.08 34.98
CA ALA A 420 4.86 6.15 33.88
C ALA A 420 5.65 6.60 32.66
N PHE A 421 5.55 7.88 32.30
CA PHE A 421 6.29 8.38 31.14
C PHE A 421 7.79 8.41 31.40
N MET A 422 8.19 8.75 32.63
CA MET A 422 9.63 8.68 32.94
C MET A 422 10.15 7.26 32.86
N SER A 423 9.36 6.28 33.31
CA SER A 423 9.75 4.88 33.20
C SER A 423 9.85 4.47 31.75
N ASP A 424 8.91 4.89 30.92
CA ASP A 424 8.98 4.56 29.50
C ASP A 424 10.24 5.12 28.86
N ALA A 425 10.58 6.39 29.17
CA ALA A 425 11.78 6.98 28.59
C ALA A 425 13.04 6.29 29.08
N SER A 426 13.10 5.95 30.38
CA SER A 426 14.25 5.22 30.90
C SER A 426 14.38 3.87 30.23
N ALA A 427 13.25 3.20 29.99
CA ALA A 427 13.29 1.92 29.29
C ALA A 427 13.79 2.08 27.87
N ILE A 428 13.41 3.17 27.20
CA ILE A 428 13.92 3.43 25.86
C ILE A 428 15.43 3.58 25.89
N VAL A 429 15.94 4.35 26.86
CA VAL A 429 17.38 4.56 26.94
C VAL A 429 18.10 3.25 27.21
N ILE A 430 17.57 2.45 28.13
CA ILE A 430 18.22 1.18 28.47
C ILE A 430 18.19 0.23 27.27
N GLY A 431 17.07 0.18 26.56
CA GLY A 431 17.00 -0.64 25.37
C GLY A 431 18.01 -0.21 24.31
N SER A 432 18.16 1.10 24.13
CA SER A 432 19.21 1.58 23.23
C SER A 432 20.58 1.12 23.68
N LEU A 433 20.84 1.17 24.99
CA LEU A 433 22.11 0.67 25.50
C LEU A 433 22.29 -0.83 25.27
N LEU A 434 21.20 -1.59 25.24
CA LEU A 434 21.27 -3.02 24.96
C LEU A 434 21.26 -3.35 23.47
N GLY A 435 20.96 -2.38 22.62
CA GLY A 435 21.03 -2.59 21.19
C GLY A 435 19.72 -2.91 20.52
N THR A 436 18.61 -2.41 21.04
CA THR A 436 17.29 -2.66 20.47
C THR A 436 16.57 -1.34 20.21
N SER A 437 15.60 -1.40 19.30
CA SER A 437 14.79 -0.24 18.93
C SER A 437 14.05 0.26 20.16
N PRO A 438 13.41 1.43 20.10
CA PRO A 438 12.76 1.97 21.30
C PRO A 438 11.75 1.01 21.88
N VAL A 439 11.69 0.96 23.21
CA VAL A 439 10.75 0.11 23.94
C VAL A 439 9.62 0.99 24.46
N THR A 440 8.39 0.55 24.21
CA THR A 440 7.20 1.30 24.58
C THR A 440 6.27 0.42 25.41
N VAL A 441 5.24 1.06 25.97
CA VAL A 441 4.20 0.34 26.69
C VAL A 441 3.29 -0.36 25.68
N PHE A 442 3.06 -1.64 25.89
CA PHE A 442 2.29 -2.42 24.94
C PHE A 442 0.79 -2.27 25.19
N ILE A 443 0.03 -2.10 24.11
CA ILE A 443 -1.43 -2.08 24.19
C ILE A 443 -1.93 -3.42 24.69
N GLU A 444 -1.15 -4.49 24.50
CA GLU A 444 -1.50 -5.79 25.05
C GLU A 444 -1.64 -5.76 26.56
N SER A 445 -1.07 -4.75 27.22
CA SER A 445 -1.26 -4.60 28.66
C SER A 445 -2.75 -4.51 29.01
N SER A 446 -3.58 -4.00 28.10
CA SER A 446 -5.01 -3.96 28.37
C SER A 446 -5.53 -5.33 28.77
N THR A 447 -5.01 -6.40 28.14
CA THR A 447 -5.42 -7.74 28.54
C THR A 447 -5.26 -7.94 30.03
N GLY A 448 -4.09 -7.63 30.57
CA GLY A 448 -3.89 -7.76 32.01
C GLY A 448 -4.84 -6.87 32.80
N ILE A 449 -5.15 -5.70 32.26
CA ILE A 449 -6.12 -4.83 32.92
C ILE A 449 -7.50 -5.46 32.87
N ARG A 450 -7.83 -6.13 31.76
CA ARG A 450 -9.14 -6.77 31.65
C ARG A 450 -9.26 -7.99 32.55
N GLU A 451 -8.15 -8.54 33.01
CA GLU A 451 -8.15 -9.70 33.89
C GLU A 451 -8.16 -9.32 35.37
N GLY A 452 -8.08 -8.04 35.69
CA GLY A 452 -8.12 -7.57 37.07
C GLY A 452 -6.82 -6.95 37.55
N GLY A 453 -5.76 -6.98 36.75
CA GLY A 453 -4.51 -6.37 37.15
C GLY A 453 -4.63 -4.88 37.35
N ARG A 454 -4.22 -4.39 38.51
CA ARG A 454 -4.31 -2.97 38.84
C ARG A 454 -3.03 -2.37 39.39
N THR A 455 -2.14 -3.16 39.97
CA THR A 455 -0.93 -2.66 40.61
C THR A 455 0.29 -3.00 39.76
N GLY A 456 1.46 -2.66 40.27
CA GLY A 456 2.70 -2.92 39.56
C GLY A 456 3.13 -4.37 39.57
N LEU A 457 2.50 -5.21 40.40
CA LEU A 457 2.88 -6.62 40.43
C LEU A 457 2.62 -7.29 39.09
N THR A 458 1.68 -6.78 38.30
CA THR A 458 1.45 -7.32 36.97
C THR A 458 2.69 -7.14 36.10
N ALA A 459 3.30 -5.96 36.14
CA ALA A 459 4.51 -5.73 35.37
C ALA A 459 5.65 -6.62 35.85
N ILE A 460 5.75 -6.82 37.17
CA ILE A 460 6.80 -7.70 37.69
C ILE A 460 6.57 -9.14 37.25
N THR A 461 5.31 -9.56 37.19
CA THR A 461 5.02 -10.90 36.69
C THR A 461 5.42 -11.05 35.23
N VAL A 462 5.11 -10.03 34.42
CA VAL A 462 5.54 -10.07 33.02
C VAL A 462 7.06 -10.10 32.92
N ALA A 463 7.74 -9.37 33.80
CA ALA A 463 9.19 -9.39 33.81
C ALA A 463 9.74 -10.75 34.17
N VAL A 464 9.10 -11.44 35.11
CA VAL A 464 9.53 -12.80 35.47
C VAL A 464 9.33 -13.74 34.29
N TYR A 465 8.19 -13.61 33.59
CA TYR A 465 7.98 -14.42 32.41
C TYR A 465 9.02 -14.12 31.34
N PHE A 466 9.46 -12.87 31.25
CA PHE A 466 10.55 -12.53 30.33
C PHE A 466 11.87 -13.16 30.77
N LEU A 467 12.13 -13.19 32.07
CA LEU A 467 13.27 -13.97 32.57
C LEU A 467 13.19 -15.39 32.05
N LEU A 468 12.03 -16.03 32.21
CA LEU A 468 11.85 -17.37 31.67
C LEU A 468 12.02 -17.39 30.15
N ALA A 469 11.77 -16.26 29.49
CA ALA A 469 11.98 -16.20 28.05
C ALA A 469 13.46 -16.39 27.70
N MET A 470 14.35 -15.83 28.51
CA MET A 470 15.74 -16.24 28.41
C MET A 470 15.85 -17.74 28.69
N PHE A 471 17.02 -18.30 28.42
CA PHE A 471 17.26 -19.72 28.47
C PHE A 471 16.54 -20.43 27.34
N PHE A 472 15.97 -19.71 26.38
CA PHE A 472 15.28 -20.30 25.23
C PHE A 472 15.62 -19.57 23.95
N THR A 473 16.75 -18.88 23.91
CA THR A 473 17.21 -18.28 22.66
C THR A 473 17.34 -19.30 21.55
N PRO A 474 17.84 -20.52 21.79
CA PRO A 474 17.92 -21.50 20.68
C PRO A 474 16.59 -21.74 20.00
N LEU A 475 15.49 -21.79 20.77
CA LEU A 475 14.17 -21.94 20.17
C LEU A 475 13.70 -20.64 19.54
N LEU A 476 14.01 -19.50 20.17
CA LEU A 476 13.58 -18.21 19.66
C LEU A 476 14.40 -17.74 18.46
N ALA A 477 15.62 -18.27 18.29
CA ALA A 477 16.48 -17.89 17.18
C ALA A 477 16.23 -18.72 15.93
N SER A 478 15.35 -19.71 15.99
CA SER A 478 15.07 -20.61 14.87
C SER A 478 13.68 -20.39 14.30
N ILE A 479 13.22 -19.15 14.27
CA ILE A 479 11.88 -18.82 13.81
C ILE A 479 11.99 -18.23 12.41
N PRO A 480 11.43 -18.87 11.39
CA PRO A 480 11.65 -18.40 10.01
C PRO A 480 10.79 -17.18 9.69
N ALA A 481 11.02 -16.65 8.48
CA ALA A 481 10.32 -15.45 8.04
C ALA A 481 8.83 -15.70 7.89
N TRP A 482 8.45 -16.86 7.35
CA TRP A 482 7.05 -17.19 7.20
C TRP A 482 6.36 -17.41 8.53
N ALA A 483 7.13 -17.52 9.62
CA ALA A 483 6.53 -17.50 10.95
C ALA A 483 6.33 -16.08 11.45
N VAL A 484 7.26 -15.17 11.11
CA VAL A 484 7.10 -13.77 11.52
C VAL A 484 5.90 -13.16 10.79
N GLY A 485 6.01 -13.02 9.47
CA GLY A 485 4.88 -13.21 8.59
C GLY A 485 3.51 -12.78 9.11
N PRO A 486 2.63 -13.77 9.30
CA PRO A 486 1.23 -13.49 9.65
C PRO A 486 1.11 -12.65 10.91
N PRO A 487 1.96 -12.85 11.91
CA PRO A 487 1.96 -11.90 13.03
C PRO A 487 2.07 -10.45 12.58
N LEU A 488 2.97 -10.16 11.63
CA LEU A 488 3.09 -8.80 11.13
C LEU A 488 1.84 -8.37 10.39
N ILE A 489 1.29 -9.24 9.55
CA ILE A 489 0.09 -8.87 8.80
C ILE A 489 -1.07 -8.56 9.75
N LEU A 490 -1.24 -9.38 10.77
CA LEU A 490 -2.36 -9.19 11.68
C LEU A 490 -2.14 -8.00 12.62
N VAL A 491 -0.90 -7.72 12.99
CA VAL A 491 -0.61 -6.50 13.72
C VAL A 491 -1.00 -5.30 12.86
N GLY A 492 -0.66 -5.34 11.57
CA GLY A 492 -1.10 -4.28 10.68
C GLY A 492 -2.61 -4.17 10.63
N VAL A 493 -3.30 -5.32 10.68
CA VAL A 493 -4.76 -5.30 10.72
C VAL A 493 -5.25 -4.57 11.97
N MET A 494 -4.68 -4.90 13.12
CA MET A 494 -5.17 -4.34 14.39
C MET A 494 -4.98 -2.84 14.46
N MET A 495 -4.01 -2.30 13.73
CA MET A 495 -3.71 -0.87 13.80
C MET A 495 -4.51 -0.05 12.81
N MET A 496 -5.34 -0.67 11.99
CA MET A 496 -6.16 0.01 10.99
C MET A 496 -7.44 0.60 11.59
N LYS A 497 -7.84 0.16 12.78
CA LYS A 497 -9.10 0.60 13.35
C LYS A 497 -9.15 2.10 13.59
N SER A 498 -8.01 2.77 13.59
CA SER A 498 -7.97 4.21 13.77
C SER A 498 -8.50 4.98 12.56
N VAL A 499 -8.65 4.33 11.40
CA VAL A 499 -9.13 5.06 10.22
C VAL A 499 -10.53 5.59 10.46
N THR A 500 -11.32 4.91 11.30
CA THR A 500 -12.66 5.38 11.61
C THR A 500 -12.67 6.71 12.35
N GLU A 501 -11.54 7.13 12.90
CA GLU A 501 -11.46 8.40 13.62
C GLU A 501 -11.12 9.58 12.71
N ILE A 502 -10.99 9.35 11.42
CA ILE A 502 -10.66 10.39 10.45
C ILE A 502 -11.94 10.79 9.72
N ASP A 503 -12.16 12.10 9.60
CA ASP A 503 -13.30 12.61 8.84
C ASP A 503 -12.91 12.59 7.37
N TRP A 504 -13.40 11.58 6.64
CA TRP A 504 -13.06 11.40 5.25
C TRP A 504 -13.89 12.27 4.32
N GLU A 505 -14.87 13.00 4.84
CA GLU A 505 -15.64 13.93 4.02
C GLU A 505 -14.95 15.28 3.90
N ASP A 506 -14.18 15.68 4.91
CA ASP A 506 -13.42 16.93 4.88
C ASP A 506 -12.08 16.64 4.22
N MET A 507 -11.84 17.27 3.06
CA MET A 507 -10.63 16.98 2.32
C MET A 507 -9.39 17.52 3.01
N ARG A 508 -9.51 18.65 3.72
CA ARG A 508 -8.39 19.17 4.48
C ARG A 508 -7.88 18.18 5.52
N GLU A 509 -8.73 17.25 5.95
CA GLU A 509 -8.34 16.20 6.87
C GLU A 509 -8.16 14.84 6.20
N ALA A 510 -8.88 14.59 5.11
CA ALA A 510 -8.75 13.30 4.43
C ALA A 510 -7.44 13.22 3.64
N ILE A 511 -7.07 14.30 2.95
CA ILE A 511 -5.85 14.27 2.14
C ILE A 511 -4.61 14.05 2.99
N PRO A 512 -4.37 14.82 4.06
CA PRO A 512 -3.21 14.53 4.91
C PRO A 512 -3.24 13.13 5.50
N ALA A 513 -4.41 12.66 5.93
CA ALA A 513 -4.50 11.31 6.47
C ALA A 513 -4.20 10.26 5.42
N PHE A 514 -4.74 10.43 4.21
CA PHE A 514 -4.46 9.48 3.14
C PHE A 514 -2.98 9.46 2.80
N VAL A 515 -2.35 10.62 2.71
CA VAL A 515 -0.93 10.68 2.41
C VAL A 515 -0.13 10.00 3.49
N THR A 516 -0.46 10.26 4.76
CA THR A 516 0.25 9.63 5.86
C THR A 516 0.10 8.11 5.81
N MET A 517 -1.10 7.62 5.53
CA MET A 517 -1.32 6.18 5.45
C MET A 517 -0.52 5.56 4.31
N ILE A 518 -0.56 6.19 3.13
CA ILE A 518 -0.08 5.51 1.93
C ILE A 518 1.42 5.66 1.73
N LEU A 519 2.00 6.81 2.07
CA LEU A 519 3.44 6.98 1.88
C LEU A 519 4.25 6.01 2.72
N MET A 520 3.72 5.61 3.88
CA MET A 520 4.50 4.74 4.76
C MET A 520 4.80 3.39 4.13
N PRO A 521 3.85 2.64 3.58
CA PRO A 521 4.23 1.41 2.88
C PRO A 521 4.88 1.66 1.54
N LEU A 522 4.39 2.63 0.77
CA LEU A 522 4.90 2.84 -0.58
C LEU A 522 6.33 3.38 -0.56
N THR A 523 6.54 4.49 0.14
CA THR A 523 7.91 4.95 0.40
C THR A 523 8.61 4.06 1.40
N TYR A 524 7.85 3.23 2.11
CA TYR A 524 8.38 2.15 2.93
C TYR A 524 9.11 2.74 4.15
N SER A 525 8.65 3.92 4.57
CA SER A 525 9.33 4.68 5.63
C SER A 525 8.30 5.40 6.47
N VAL A 526 8.42 5.29 7.79
CA VAL A 526 7.53 6.03 8.68
C VAL A 526 7.84 7.51 8.64
N ALA A 527 9.13 7.86 8.59
CA ALA A 527 9.50 9.27 8.58
C ALA A 527 8.97 9.98 7.35
N TYR A 528 9.08 9.34 6.18
CA TYR A 528 8.58 9.96 4.95
C TYR A 528 7.07 10.11 5.00
N GLY A 529 6.37 9.11 5.54
CA GLY A 529 4.93 9.24 5.68
C GLY A 529 4.53 10.41 6.56
N LEU A 530 5.19 10.54 7.72
CA LEU A 530 4.89 11.66 8.61
C LEU A 530 5.23 12.99 7.95
N ILE A 531 6.37 13.07 7.27
CA ILE A 531 6.76 14.33 6.64
C ILE A 531 5.76 14.72 5.56
N GLY A 532 5.39 13.76 4.71
CA GLY A 532 4.43 14.06 3.66
C GLY A 532 3.08 14.46 4.22
N GLY A 533 2.60 13.75 5.25
CA GLY A 533 1.32 14.09 5.84
C GLY A 533 1.33 15.48 6.45
N ILE A 534 2.37 15.81 7.22
CA ILE A 534 2.44 17.11 7.85
C ILE A 534 2.57 18.21 6.80
N GLY A 535 3.38 17.98 5.77
CA GLY A 535 3.52 18.97 4.71
C GLY A 535 2.21 19.22 3.98
N SER A 536 1.49 18.15 3.64
CA SER A 536 0.20 18.32 2.98
C SER A 536 -0.80 19.02 3.90
N TYR A 537 -0.80 18.68 5.19
CA TYR A 537 -1.68 19.36 6.12
C TYR A 537 -1.38 20.85 6.19
N VAL A 538 -0.09 21.20 6.25
CA VAL A 538 0.29 22.62 6.33
C VAL A 538 -0.11 23.34 5.05
N VAL A 539 0.17 22.72 3.89
CA VAL A 539 -0.14 23.37 2.62
C VAL A 539 -1.64 23.58 2.48
N LEU A 540 -2.44 22.58 2.82
CA LEU A 540 -3.88 22.68 2.63
C LEU A 540 -4.53 23.66 3.60
N HIS A 541 -3.88 23.96 4.72
CA HIS A 541 -4.40 24.91 5.69
C HIS A 541 -3.77 26.29 5.57
N LEU A 542 -2.88 26.49 4.60
CA LEU A 542 -2.25 27.81 4.45
C LEU A 542 -3.28 28.87 4.13
N TRP A 543 -4.24 28.56 3.26
CA TRP A 543 -5.28 29.54 2.95
C TRP A 543 -6.09 29.90 4.18
N ASP A 544 -6.52 28.90 4.95
CA ASP A 544 -7.30 29.16 6.15
C ASP A 544 -6.49 29.95 7.16
N TRP A 545 -5.23 29.56 7.37
CA TRP A 545 -4.40 30.27 8.35
C TRP A 545 -4.15 31.71 7.92
N GLY A 546 -3.90 31.93 6.63
CA GLY A 546 -3.68 33.29 6.16
C GLY A 546 -4.92 34.15 6.30
N GLU A 547 -6.08 33.60 5.93
CA GLU A 547 -7.32 34.34 6.10
C GLU A 547 -7.58 34.67 7.56
N GLU A 548 -7.33 33.70 8.45
CA GLU A 548 -7.55 33.95 9.88
C GLU A 548 -6.56 34.99 10.40
N GLY A 549 -5.32 34.97 9.93
CA GLY A 549 -4.37 35.98 10.34
C GLY A 549 -4.77 37.37 9.90
N LEU A 550 -5.21 37.50 8.64
CA LEU A 550 -5.70 38.80 8.17
C LEU A 550 -6.90 39.26 8.99
N VAL A 551 -7.82 38.34 9.31
CA VAL A 551 -8.98 38.71 10.10
C VAL A 551 -8.57 39.17 11.49
N LYS A 552 -7.69 38.40 12.14
CA LYS A 552 -7.23 38.78 13.48
C LYS A 552 -6.50 40.11 13.46
N LEU A 553 -5.85 40.45 12.34
CA LEU A 553 -5.25 41.76 12.18
C LEU A 553 -6.27 42.82 11.81
N GLY A 554 -7.48 42.43 11.43
CA GLY A 554 -8.55 43.36 11.16
C GLY A 554 -8.81 43.69 9.70
N PHE A 555 -7.99 43.19 8.77
CA PHE A 555 -8.21 43.50 7.37
C PHE A 555 -9.57 42.98 6.89
N LEU A 556 -9.93 41.75 7.24
CA LEU A 556 -11.16 41.14 6.79
C LEU A 556 -12.17 41.08 7.92
N LYS A 557 -13.43 40.84 7.55
CA LYS A 557 -14.52 40.75 8.51
C LYS A 557 -15.06 39.33 8.58
N PRO B 18 -41.44 38.65 -18.09
CA PRO B 18 -40.49 37.99 -17.20
C PRO B 18 -39.05 38.17 -17.67
N LYS B 19 -38.57 37.29 -18.55
CA LYS B 19 -37.23 37.41 -19.10
C LYS B 19 -37.05 36.34 -20.16
N LEU B 20 -36.03 36.51 -20.99
CA LEU B 20 -35.77 35.55 -22.06
C LEU B 20 -35.55 34.14 -21.50
N LEU B 21 -34.80 34.05 -20.41
CA LEU B 21 -34.56 32.74 -19.79
C LEU B 21 -35.87 32.11 -19.33
N ASN B 22 -36.72 32.89 -18.67
CA ASN B 22 -38.00 32.36 -18.21
C ASN B 22 -38.89 31.97 -19.37
N ARG B 23 -38.89 32.77 -20.44
CA ARG B 23 -39.70 32.41 -21.60
C ARG B 23 -39.22 31.10 -22.22
N LEU B 24 -37.90 30.93 -22.34
CA LEU B 24 -37.38 29.67 -22.85
C LEU B 24 -37.77 28.50 -21.96
N ASN B 25 -37.65 28.68 -20.64
CA ASN B 25 -37.98 27.60 -19.72
C ASN B 25 -39.46 27.22 -19.83
N THR B 26 -40.35 28.21 -19.88
CA THR B 26 -41.77 27.91 -19.94
C THR B 26 -42.15 27.30 -21.30
N TYR B 27 -41.49 27.73 -22.37
CA TYR B 27 -41.76 27.14 -23.68
C TYR B 27 -41.35 25.68 -23.71
N VAL B 28 -40.13 25.38 -23.23
CA VAL B 28 -39.65 24.01 -23.29
C VAL B 28 -40.43 23.12 -22.34
N GLY B 29 -40.73 23.62 -21.14
CA GLY B 29 -41.40 22.77 -20.15
C GLY B 29 -42.77 22.30 -20.59
N SER B 30 -43.48 23.13 -21.35
CA SER B 30 -44.82 22.81 -21.82
C SER B 30 -44.85 22.19 -23.20
N SER B 31 -43.70 21.94 -23.80
CA SER B 31 -43.63 21.33 -25.12
C SER B 31 -43.63 19.81 -25.02
N ARG B 32 -43.82 19.16 -26.17
CA ARG B 32 -43.86 17.70 -26.19
C ARG B 32 -42.52 17.12 -25.75
N VAL B 33 -41.41 17.70 -26.20
CA VAL B 33 -40.10 17.24 -25.76
C VAL B 33 -39.96 17.43 -24.25
N GLY B 34 -40.44 18.57 -23.74
CA GLY B 34 -40.33 18.82 -22.31
C GLY B 34 -41.15 17.85 -21.48
N LYS B 35 -42.37 17.55 -21.93
CA LYS B 35 -43.20 16.59 -21.21
C LYS B 35 -42.71 15.16 -21.38
N ARG B 36 -41.96 14.88 -22.44
CA ARG B 36 -41.37 13.55 -22.59
C ARG B 36 -40.40 13.24 -21.47
N PHE B 37 -39.63 14.24 -21.05
CA PHE B 37 -38.68 14.10 -19.95
C PHE B 37 -39.30 14.36 -18.59
N LYS B 38 -40.61 14.64 -18.54
CA LYS B 38 -41.30 14.88 -17.28
C LYS B 38 -40.69 16.06 -16.52
N LEU B 39 -40.40 17.14 -17.26
CA LEU B 39 -39.77 18.29 -16.64
C LEU B 39 -40.66 18.90 -15.56
N ALA B 40 -41.92 19.19 -15.89
CA ALA B 40 -42.80 19.87 -14.95
C ALA B 40 -43.04 19.02 -13.71
N GLU B 41 -43.17 17.71 -13.87
CA GLU B 41 -43.44 16.82 -12.74
C GLU B 41 -42.25 16.73 -11.78
N ARG B 42 -41.05 17.13 -12.21
CA ARG B 42 -39.86 17.03 -11.40
C ARG B 42 -39.31 18.38 -10.95
N ASN B 43 -40.01 19.49 -11.26
CA ASN B 43 -39.66 20.81 -10.76
C ASN B 43 -38.36 21.34 -11.36
N SER B 44 -38.17 21.15 -12.66
CA SER B 44 -37.03 21.71 -13.38
C SER B 44 -37.27 21.56 -14.87
N THR B 45 -37.09 22.62 -15.67
CA THR B 45 -37.53 22.58 -17.06
C THR B 45 -36.38 22.57 -18.08
N PHE B 46 -35.62 23.63 -18.20
CA PHE B 46 -34.57 23.57 -19.21
C PHE B 46 -33.23 24.09 -18.75
N THR B 47 -33.21 25.19 -17.99
CA THR B 47 -31.95 25.79 -17.59
C THR B 47 -31.38 25.15 -16.33
N THR B 48 -32.24 24.65 -15.45
CA THR B 48 -31.75 23.84 -14.34
C THR B 48 -31.07 22.58 -14.86
N GLU B 49 -31.66 21.94 -15.87
CA GLU B 49 -31.04 20.75 -16.46
C GLU B 49 -29.72 21.10 -17.15
N LEU B 50 -29.68 22.20 -17.88
CA LEU B 50 -28.44 22.60 -18.53
C LEU B 50 -27.35 22.90 -17.50
N ARG B 51 -27.70 23.62 -16.44
CA ARG B 51 -26.70 23.93 -15.40
C ARG B 51 -26.24 22.67 -14.69
N ALA B 52 -27.15 21.74 -14.40
CA ALA B 52 -26.76 20.49 -13.77
C ALA B 52 -25.86 19.67 -14.67
N GLY B 53 -26.17 19.61 -15.96
CA GLY B 53 -25.30 18.90 -16.89
C GLY B 53 -23.93 19.53 -17.00
N THR B 54 -23.88 20.86 -17.02
CA THR B 54 -22.59 21.55 -17.06
C THR B 54 -21.78 21.25 -15.81
N ALA B 55 -22.42 21.27 -14.64
CA ALA B 55 -21.70 20.99 -13.40
C ALA B 55 -21.19 19.55 -13.39
N THR B 56 -22.02 18.59 -13.82
CA THR B 56 -21.60 17.21 -13.87
C THR B 56 -20.43 17.03 -14.83
N PHE B 57 -20.50 17.66 -16.01
CA PHE B 57 -19.42 17.54 -16.97
C PHE B 57 -18.13 18.16 -16.43
N LEU B 58 -18.23 19.31 -15.78
CA LEU B 58 -17.03 19.90 -15.17
C LEU B 58 -16.44 18.96 -14.14
N THR B 59 -17.29 18.30 -13.35
CA THR B 59 -16.79 17.39 -12.34
C THR B 59 -16.11 16.16 -12.95
N MET B 60 -16.65 15.64 -14.06
CA MET B 60 -16.18 14.39 -14.63
C MET B 60 -15.21 14.57 -15.80
N ALA B 61 -14.87 15.82 -16.15
CA ALA B 61 -14.06 16.04 -17.35
C ALA B 61 -12.67 15.44 -17.24
N TYR B 62 -12.14 15.24 -16.03
CA TYR B 62 -10.82 14.64 -15.90
C TYR B 62 -10.72 13.28 -16.58
N ILE B 63 -11.85 12.59 -16.73
CA ILE B 63 -11.84 11.25 -17.33
C ILE B 63 -11.33 11.33 -18.76
N LEU B 64 -11.68 12.40 -19.48
CA LEU B 64 -11.28 12.52 -20.88
C LEU B 64 -9.78 12.32 -21.04
N ALA B 65 -9.00 12.78 -20.07
CA ALA B 65 -7.55 12.59 -20.07
C ALA B 65 -7.13 11.29 -19.39
N VAL B 66 -7.65 11.03 -18.19
CA VAL B 66 -7.16 9.92 -17.39
C VAL B 66 -7.45 8.59 -18.07
N ASN B 67 -8.67 8.39 -18.55
CA ASN B 67 -9.02 7.11 -19.14
C ASN B 67 -8.17 6.82 -20.38
N ALA B 68 -8.02 7.83 -21.23
CA ALA B 68 -7.23 7.64 -22.44
C ALA B 68 -5.78 7.32 -22.10
N SER B 69 -5.19 8.06 -21.15
CA SER B 69 -3.80 7.79 -20.79
C SER B 69 -3.64 6.40 -20.22
N ILE B 70 -4.51 6.01 -19.30
CA ILE B 70 -4.38 4.71 -18.64
C ILE B 70 -4.55 3.59 -19.65
N LEU B 71 -5.53 3.70 -20.55
CA LEU B 71 -5.74 2.64 -21.52
C LEU B 71 -4.64 2.61 -22.57
N SER B 72 -4.05 3.77 -22.89
CA SER B 72 -2.91 3.79 -23.80
C SER B 72 -1.72 3.07 -23.18
N ASP B 73 -1.56 3.20 -21.87
CA ASP B 73 -0.49 2.46 -21.20
C ASP B 73 -0.65 0.96 -21.38
N SER B 74 -1.85 0.49 -21.70
CA SER B 74 -2.08 -0.94 -21.92
C SER B 74 -1.36 -1.45 -23.16
N GLY B 75 -0.97 -0.57 -24.07
CA GLY B 75 -0.30 -0.94 -25.30
C GLY B 75 -1.21 -1.02 -26.51
N GLY B 76 -2.52 -1.14 -26.31
CA GLY B 76 -3.43 -1.13 -27.44
C GLY B 76 -3.54 -2.47 -28.13
N THR B 77 -3.94 -2.41 -29.40
CA THR B 77 -4.18 -3.58 -30.22
C THR B 77 -2.95 -4.06 -30.97
N CYS B 78 -1.85 -3.31 -30.95
CA CYS B 78 -0.70 -3.64 -31.78
C CYS B 78 0.37 -4.34 -30.98
N SER B 79 1.06 -5.27 -31.63
CA SER B 79 2.05 -6.15 -31.04
C SER B 79 3.40 -5.89 -31.72
N VAL B 80 4.35 -6.79 -31.46
CA VAL B 80 5.68 -6.73 -32.05
C VAL B 80 5.61 -6.55 -33.56
N SER B 81 4.46 -6.89 -34.16
CA SER B 81 4.32 -6.83 -35.61
C SER B 81 4.62 -5.43 -36.15
N ASP B 82 4.43 -4.39 -35.34
CA ASP B 82 4.66 -3.02 -35.77
C ASP B 82 5.96 -2.45 -35.23
N CYS B 83 6.80 -3.26 -34.60
CA CYS B 83 8.12 -2.83 -34.18
C CYS B 83 9.03 -2.78 -35.40
N ILE B 84 9.59 -1.61 -35.69
CA ILE B 84 10.47 -1.49 -36.86
C ILE B 84 11.82 -2.10 -36.55
N PRO B 85 12.45 -2.83 -37.48
CA PRO B 85 13.79 -3.35 -37.21
C PRO B 85 14.77 -2.21 -36.97
N LEU B 86 15.68 -2.42 -36.02
CA LEU B 86 16.61 -1.40 -35.58
C LEU B 86 18.04 -1.79 -35.93
N CYS B 87 18.83 -0.80 -36.30
CA CYS B 87 20.21 -1.06 -36.71
C CYS B 87 21.07 -1.41 -35.49
N SER B 88 22.21 -2.03 -35.77
CA SER B 88 23.11 -2.43 -34.69
C SER B 88 23.64 -1.21 -33.94
N ASN B 89 23.98 -0.15 -34.66
CA ASN B 89 24.47 1.07 -34.00
C ASN B 89 23.37 2.12 -33.94
N PRO B 90 23.22 2.80 -32.80
CA PRO B 90 22.12 3.78 -32.68
C PRO B 90 22.22 4.94 -33.65
N ALA B 91 23.43 5.31 -34.06
CA ALA B 91 23.63 6.55 -34.81
C ALA B 91 23.20 6.45 -36.27
N ILE B 92 22.91 5.25 -36.78
CA ILE B 92 22.55 5.06 -38.17
C ILE B 92 21.09 4.66 -38.26
N GLU B 93 20.33 5.38 -39.07
CA GLU B 93 18.93 5.06 -39.28
C GLU B 93 18.80 3.73 -40.04
N PRO B 94 17.79 2.92 -39.72
CA PRO B 94 17.80 1.53 -40.24
C PRO B 94 17.93 1.43 -41.75
N SER B 95 17.35 2.36 -42.51
CA SER B 95 17.46 2.28 -43.96
C SER B 95 18.92 2.28 -44.41
N GLN B 96 19.80 2.91 -43.64
CA GLN B 96 21.22 2.96 -43.92
C GLN B 96 22.00 1.83 -43.24
N CYS B 97 21.30 0.81 -42.75
CA CYS B 97 21.93 -0.27 -42.00
C CYS B 97 22.50 -1.33 -42.95
N THR B 98 23.41 -0.88 -43.81
CA THR B 98 24.11 -1.77 -44.74
C THR B 98 25.57 -1.37 -44.77
N GLY B 99 26.45 -2.32 -44.46
CA GLY B 99 27.87 -2.06 -44.41
C GLY B 99 28.63 -3.20 -43.79
N PRO B 100 29.92 -2.97 -43.49
CA PRO B 100 30.73 -4.03 -42.89
C PRO B 100 30.37 -4.26 -41.43
N GLY B 101 30.10 -5.51 -41.08
CA GLY B 101 29.73 -5.83 -39.71
C GLY B 101 28.48 -5.13 -39.23
N LEU B 102 27.59 -4.77 -40.14
CA LEU B 102 26.38 -4.01 -39.82
C LEU B 102 25.17 -4.84 -40.20
N ARG B 103 24.21 -4.94 -39.28
CA ARG B 103 23.03 -5.78 -39.49
C ARG B 103 21.82 -5.12 -38.83
N LEU B 104 20.64 -5.53 -39.29
CA LEU B 104 19.38 -5.07 -38.72
C LEU B 104 18.88 -6.11 -37.71
N ILE B 105 18.63 -5.67 -36.49
CA ILE B 105 18.15 -6.54 -35.43
C ILE B 105 16.64 -6.67 -35.58
N GLN B 106 16.17 -7.89 -35.79
CA GLN B 106 14.73 -8.11 -35.89
C GLN B 106 14.07 -7.93 -34.53
N PRO B 107 12.91 -7.26 -34.46
CA PRO B 107 12.27 -7.07 -33.16
C PRO B 107 11.74 -8.36 -32.58
N ASP B 108 11.68 -8.41 -31.26
CA ASP B 108 11.08 -9.49 -30.50
C ASP B 108 10.12 -8.89 -29.47
N VAL B 109 9.63 -9.72 -28.55
CA VAL B 109 8.74 -9.23 -27.51
C VAL B 109 9.39 -8.08 -26.75
N SER B 110 10.71 -8.15 -26.52
CA SER B 110 11.40 -7.11 -25.78
C SER B 110 11.30 -5.75 -26.46
N CYS B 111 10.96 -5.71 -27.74
CA CYS B 111 10.78 -4.43 -28.41
C CYS B 111 9.65 -3.61 -27.79
N LYS B 112 8.73 -4.25 -27.07
CA LYS B 112 7.60 -3.52 -26.50
C LYS B 112 7.97 -2.79 -25.21
N PHE B 113 9.15 -3.05 -24.64
CA PHE B 113 9.53 -2.52 -23.34
C PHE B 113 10.86 -1.80 -23.43
N ASN B 114 11.33 -1.30 -22.30
CA ASN B 114 12.51 -0.44 -22.28
C ASN B 114 13.72 -1.17 -22.84
N PRO B 115 14.39 -0.63 -23.87
CA PRO B 115 14.07 0.59 -24.62
C PRO B 115 12.98 0.34 -25.66
N VAL B 116 11.88 1.09 -25.57
CA VAL B 116 10.72 0.84 -26.41
C VAL B 116 11.09 1.12 -27.87
N ASN B 117 10.70 0.20 -28.75
CA ASN B 117 10.96 0.39 -30.16
C ASN B 117 10.21 1.61 -30.68
N PRO B 118 10.82 2.44 -31.54
CA PRO B 118 10.11 3.63 -32.01
C PRO B 118 8.79 3.33 -32.70
N GLY B 119 8.72 2.23 -33.48
CA GLY B 119 7.48 1.88 -34.13
C GLY B 119 6.39 1.56 -33.14
N TYR B 120 6.72 0.80 -32.08
CA TYR B 120 5.72 0.48 -31.07
C TYR B 120 5.25 1.74 -30.35
N ALA B 121 6.17 2.65 -30.04
CA ALA B 121 5.77 3.90 -29.40
C ALA B 121 4.85 4.73 -30.30
N ALA B 122 5.15 4.79 -31.60
CA ALA B 122 4.27 5.49 -32.52
C ALA B 122 2.88 4.86 -32.54
N CYS B 123 2.83 3.53 -32.58
CA CYS B 123 1.52 2.87 -32.55
C CYS B 123 0.80 3.14 -31.24
N VAL B 124 1.54 3.22 -30.13
CA VAL B 124 0.91 3.50 -28.85
C VAL B 124 0.32 4.90 -28.84
N GLU B 125 1.01 5.85 -29.47
CA GLU B 125 0.46 7.20 -29.56
C GLU B 125 -0.81 7.23 -30.43
N GLU B 126 -0.79 6.51 -31.55
CA GLU B 126 -2.00 6.39 -32.36
C GLU B 126 -3.13 5.74 -31.57
N ILE B 127 -2.81 4.71 -30.78
CA ILE B 127 -3.79 4.07 -29.93
C ILE B 127 -4.30 5.06 -28.89
N ARG B 128 -3.45 5.95 -28.40
CA ARG B 128 -3.90 6.94 -27.44
C ARG B 128 -4.92 7.88 -28.06
N LYS B 129 -4.67 8.30 -29.30
CA LYS B 129 -5.68 9.11 -29.99
C LYS B 129 -6.98 8.33 -30.15
N ASP B 130 -6.87 7.07 -30.59
CA ASP B 130 -8.06 6.23 -30.76
C ASP B 130 -8.82 6.10 -29.46
N LEU B 131 -8.11 5.95 -28.35
CA LEU B 131 -8.75 5.73 -27.05
C LEU B 131 -9.33 7.01 -26.49
N ILE B 132 -8.74 8.17 -26.81
CA ILE B 132 -9.39 9.43 -26.46
C ILE B 132 -10.74 9.52 -27.16
N VAL B 133 -10.76 9.27 -28.47
CA VAL B 133 -12.03 9.33 -29.19
C VAL B 133 -12.99 8.26 -28.67
N ALA B 134 -12.47 7.08 -28.34
CA ALA B 134 -13.32 6.00 -27.85
C ALA B 134 -13.94 6.36 -26.50
N THR B 135 -13.15 6.95 -25.61
CA THR B 135 -13.68 7.38 -24.33
C THR B 135 -14.78 8.42 -24.52
N VAL B 136 -14.53 9.41 -25.37
CA VAL B 136 -15.54 10.44 -25.58
C VAL B 136 -16.81 9.83 -26.16
N ALA B 137 -16.66 8.96 -27.16
CA ALA B 137 -17.83 8.38 -27.82
C ALA B 137 -18.60 7.46 -26.88
N ALA B 138 -17.91 6.64 -26.10
CA ALA B 138 -18.59 5.75 -25.18
C ALA B 138 -19.31 6.53 -24.10
N SER B 139 -18.68 7.56 -23.55
CA SER B 139 -19.35 8.39 -22.56
C SER B 139 -20.58 9.06 -23.15
N LEU B 140 -20.44 9.60 -24.37
CA LEU B 140 -21.57 10.25 -25.03
C LEU B 140 -22.73 9.28 -25.21
N ILE B 141 -22.44 8.08 -25.72
CA ILE B 141 -23.49 7.12 -26.02
C ILE B 141 -24.15 6.64 -24.71
N GLY B 142 -23.35 6.37 -23.69
CA GLY B 142 -23.92 5.97 -22.42
C GLY B 142 -24.80 7.04 -21.83
N CYS B 143 -24.36 8.30 -21.88
CA CYS B 143 -25.16 9.39 -21.36
C CYS B 143 -26.47 9.53 -22.12
N VAL B 144 -26.41 9.42 -23.45
CA VAL B 144 -27.63 9.55 -24.25
C VAL B 144 -28.59 8.41 -23.94
N ILE B 145 -28.08 7.18 -23.83
CA ILE B 145 -28.94 6.04 -23.54
C ILE B 145 -29.57 6.20 -22.17
N MET B 146 -28.79 6.62 -21.18
CA MET B 146 -29.35 6.80 -19.83
C MET B 146 -30.39 7.92 -19.82
N GLY B 147 -30.14 9.01 -20.54
CA GLY B 147 -31.08 10.11 -20.55
C GLY B 147 -32.39 9.74 -21.23
N LEU B 148 -32.31 9.01 -22.34
CA LEU B 148 -33.52 8.69 -23.10
C LEU B 148 -34.26 7.50 -22.54
N MET B 149 -33.57 6.36 -22.39
CA MET B 149 -34.22 5.13 -21.94
C MET B 149 -34.62 5.21 -20.47
N ALA B 150 -33.71 5.67 -19.60
CA ALA B 150 -33.97 5.69 -18.17
C ALA B 150 -34.52 7.02 -17.67
N ASN B 151 -34.21 8.12 -18.35
CA ASN B 151 -34.69 9.44 -17.96
C ASN B 151 -34.20 9.81 -16.56
N LEU B 152 -32.89 9.74 -16.38
CA LEU B 152 -32.25 10.10 -15.13
C LEU B 152 -31.08 11.04 -15.38
N PRO B 153 -30.76 11.92 -14.42
CA PRO B 153 -29.64 12.87 -14.60
C PRO B 153 -28.29 12.27 -14.27
N LEU B 154 -28.01 11.10 -14.83
CA LEU B 154 -26.78 10.36 -14.57
C LEU B 154 -25.89 10.39 -15.81
N ALA B 155 -24.59 10.56 -15.59
CA ALA B 155 -23.60 10.61 -16.65
C ALA B 155 -22.76 9.33 -16.60
N LEU B 156 -22.58 8.70 -17.76
CA LEU B 156 -21.84 7.46 -17.88
C LEU B 156 -20.50 7.74 -18.55
N ALA B 157 -19.46 7.04 -18.10
CA ALA B 157 -18.14 7.15 -18.71
C ALA B 157 -17.28 5.99 -18.24
N PRO B 158 -16.16 5.73 -18.92
CA PRO B 158 -15.27 4.64 -18.47
C PRO B 158 -14.88 4.82 -17.01
N GLY B 159 -15.28 3.86 -16.19
CA GLY B 159 -15.06 3.98 -14.76
C GLY B 159 -13.58 3.98 -14.41
N MET B 160 -13.24 4.75 -13.37
CA MET B 160 -11.85 4.84 -12.94
C MET B 160 -11.39 3.55 -12.28
N GLY B 161 -12.27 2.88 -11.54
CA GLY B 161 -11.90 1.63 -10.91
C GLY B 161 -11.43 0.60 -11.92
N THR B 162 -12.14 0.47 -13.04
CA THR B 162 -11.83 -0.55 -14.02
C THR B 162 -10.78 -0.13 -15.03
N ASN B 163 -10.52 1.17 -15.21
CA ASN B 163 -9.51 1.60 -16.16
C ASN B 163 -8.15 0.99 -15.82
N ALA B 164 -7.71 1.16 -14.58
CA ALA B 164 -6.39 0.68 -14.19
C ALA B 164 -6.34 -0.84 -14.19
N TYR B 165 -7.40 -1.49 -13.74
CA TYR B 165 -7.42 -2.95 -13.75
C TYR B 165 -7.30 -3.48 -15.17
N PHE B 166 -8.05 -2.90 -16.10
CA PHE B 166 -7.99 -3.32 -17.49
C PHE B 166 -6.61 -3.07 -18.09
N ALA B 167 -6.02 -1.91 -17.79
CA ALA B 167 -4.81 -1.50 -18.49
C ALA B 167 -3.57 -2.18 -17.93
N TYR B 168 -3.43 -2.21 -16.61
CA TYR B 168 -2.19 -2.64 -15.97
C TYR B 168 -2.24 -4.04 -15.41
N THR B 169 -3.42 -4.62 -15.23
CA THR B 169 -3.54 -5.96 -14.66
C THR B 169 -4.08 -6.96 -15.66
N VAL B 170 -5.25 -6.71 -16.26
CA VAL B 170 -5.81 -7.65 -17.22
C VAL B 170 -4.92 -7.75 -18.45
N VAL B 171 -4.53 -6.60 -19.01
CA VAL B 171 -3.72 -6.56 -20.21
C VAL B 171 -2.25 -6.33 -19.89
N GLY B 172 -1.97 -5.57 -18.83
CA GLY B 172 -0.61 -5.26 -18.46
C GLY B 172 -0.04 -4.11 -19.26
N PHE B 173 1.07 -3.56 -18.76
CA PHE B 173 1.73 -2.46 -19.44
C PHE B 173 2.33 -2.95 -20.76
N HIS B 174 1.92 -2.32 -21.86
CA HIS B 174 2.39 -2.69 -23.18
C HIS B 174 2.18 -4.19 -23.45
N GLY B 175 1.02 -4.69 -23.01
CA GLY B 175 0.66 -6.06 -23.27
C GLY B 175 1.54 -7.08 -22.56
N SER B 176 1.94 -6.80 -21.33
CA SER B 176 2.72 -7.74 -20.53
C SER B 176 1.86 -8.64 -19.67
N GLY B 177 0.54 -8.44 -19.66
CA GLY B 177 -0.35 -9.27 -18.88
C GLY B 177 -0.66 -10.58 -19.57
N SER B 178 -1.43 -11.40 -18.87
CA SER B 178 -1.75 -12.74 -19.36
C SER B 178 -2.82 -12.73 -20.44
N ILE B 179 -3.53 -11.63 -20.62
CA ILE B 179 -4.63 -11.52 -21.57
C ILE B 179 -4.34 -10.38 -22.53
N SER B 180 -4.51 -10.63 -23.82
CA SER B 180 -4.27 -9.60 -24.82
C SER B 180 -5.35 -8.52 -24.75
N TYR B 181 -5.03 -7.38 -25.35
CA TYR B 181 -5.97 -6.25 -25.31
C TYR B 181 -7.29 -6.61 -26.00
N ARG B 182 -7.22 -7.28 -27.15
CA ARG B 182 -8.44 -7.68 -27.84
C ARG B 182 -9.23 -8.69 -27.01
N THR B 183 -8.52 -9.63 -26.39
CA THR B 183 -9.21 -10.60 -25.53
C THR B 183 -9.83 -9.91 -24.33
N ALA B 184 -9.15 -8.91 -23.77
CA ALA B 184 -9.74 -8.15 -22.67
C ALA B 184 -10.98 -7.38 -23.13
N LEU B 185 -10.96 -6.84 -24.34
CA LEU B 185 -12.15 -6.18 -24.88
C LEU B 185 -13.30 -7.18 -25.03
N ALA B 186 -12.99 -8.39 -25.50
CA ALA B 186 -14.02 -9.42 -25.58
C ALA B 186 -14.56 -9.76 -24.20
N ALA B 187 -13.68 -9.81 -23.20
CA ALA B 187 -14.12 -10.06 -21.83
C ALA B 187 -15.06 -8.97 -21.35
N VAL B 188 -14.73 -7.71 -21.63
CA VAL B 188 -15.60 -6.61 -21.21
C VAL B 188 -16.93 -6.69 -21.95
N PHE B 189 -16.90 -7.04 -23.24
CA PHE B 189 -18.13 -7.18 -24.01
C PHE B 189 -19.04 -8.25 -23.40
N ILE B 190 -18.47 -9.43 -23.13
CA ILE B 190 -19.27 -10.52 -22.57
C ILE B 190 -19.74 -10.16 -21.17
N GLU B 191 -18.91 -9.45 -20.40
CA GLU B 191 -19.31 -9.03 -19.07
C GLU B 191 -20.49 -8.07 -19.12
N GLY B 192 -20.45 -7.12 -20.04
CA GLY B 192 -21.59 -6.23 -20.23
C GLY B 192 -22.84 -6.99 -20.63
N LEU B 193 -22.70 -7.98 -21.51
CA LEU B 193 -23.86 -8.79 -21.89
C LEU B 193 -24.41 -9.55 -20.69
N ILE B 194 -23.55 -10.13 -19.86
CA ILE B 194 -23.99 -10.88 -18.70
C ILE B 194 -24.68 -9.95 -17.70
N PHE B 195 -24.11 -8.76 -17.49
CA PHE B 195 -24.73 -7.79 -16.59
C PHE B 195 -26.10 -7.39 -17.10
N LEU B 196 -26.22 -7.14 -18.41
CA LEU B 196 -27.52 -6.82 -18.99
C LEU B 196 -28.51 -7.95 -18.77
N PHE B 197 -28.06 -9.20 -18.98
CA PHE B 197 -28.95 -10.33 -18.82
C PHE B 197 -29.46 -10.44 -17.39
N ILE B 198 -28.54 -10.38 -16.41
CA ILE B 198 -28.95 -10.57 -15.02
C ILE B 198 -29.83 -9.40 -14.56
N SER B 199 -29.53 -8.18 -15.02
CA SER B 199 -30.37 -7.05 -14.67
C SER B 199 -31.76 -7.19 -15.27
N ALA B 200 -31.84 -7.68 -16.50
CA ALA B 200 -33.13 -7.82 -17.17
C ALA B 200 -34.04 -8.79 -16.43
N ILE B 201 -33.48 -9.82 -15.80
CA ILE B 201 -34.27 -10.82 -15.10
C ILE B 201 -34.26 -10.61 -13.59
N GLY B 202 -33.83 -9.43 -13.13
CA GLY B 202 -33.89 -9.12 -11.72
C GLY B 202 -33.02 -9.97 -10.84
N PHE B 203 -31.99 -10.61 -11.40
CA PHE B 203 -31.13 -11.53 -10.67
C PHE B 203 -29.86 -10.85 -10.17
N ARG B 204 -29.74 -9.53 -10.39
CA ARG B 204 -28.53 -8.80 -10.00
C ARG B 204 -28.38 -8.70 -8.49
N ALA B 205 -29.49 -8.48 -7.78
CA ALA B 205 -29.42 -8.29 -6.33
C ALA B 205 -28.84 -9.53 -5.65
N LYS B 206 -29.14 -10.71 -6.17
CA LYS B 206 -28.60 -11.93 -5.58
C LYS B 206 -27.09 -12.00 -5.73
N LEU B 207 -26.56 -11.64 -6.91
CA LEU B 207 -25.11 -11.55 -7.05
C LEU B 207 -24.54 -10.51 -6.11
N ALA B 208 -25.21 -9.38 -5.95
CA ALA B 208 -24.73 -8.36 -5.02
C ALA B 208 -24.61 -8.92 -3.61
N LYS B 209 -25.64 -9.65 -3.15
CA LYS B 209 -25.59 -10.26 -1.84
C LYS B 209 -24.54 -11.36 -1.75
N LEU B 210 -24.20 -12.00 -2.87
CA LEU B 210 -23.24 -13.11 -2.82
C LEU B 210 -21.87 -12.65 -2.36
N VAL B 211 -21.57 -11.36 -2.46
CA VAL B 211 -20.26 -10.85 -2.06
C VAL B 211 -20.29 -10.50 -0.57
N PRO B 212 -19.30 -10.92 0.22
CA PRO B 212 -19.32 -10.58 1.65
C PRO B 212 -19.33 -9.08 1.88
N LYS B 213 -20.04 -8.67 2.93
CA LYS B 213 -20.17 -7.24 3.23
C LYS B 213 -18.83 -6.57 3.46
N PRO B 214 -17.94 -7.07 4.32
CA PRO B 214 -16.66 -6.39 4.49
C PRO B 214 -15.86 -6.28 3.20
N VAL B 215 -15.85 -7.34 2.39
CA VAL B 215 -15.15 -7.30 1.11
C VAL B 215 -15.81 -6.28 0.19
N ARG B 216 -17.14 -6.28 0.15
CA ARG B 216 -17.84 -5.32 -0.72
C ARG B 216 -17.52 -3.89 -0.34
N ILE B 217 -17.50 -3.59 0.96
CA ILE B 217 -17.25 -2.22 1.40
C ILE B 217 -15.79 -1.84 1.19
N SER B 218 -14.86 -2.77 1.45
CA SER B 218 -13.44 -2.46 1.39
C SER B 218 -12.87 -2.55 -0.01
N SER B 219 -13.60 -3.09 -0.98
CA SER B 219 -13.11 -3.09 -2.35
C SER B 219 -12.94 -1.68 -2.87
N SER B 220 -13.84 -0.77 -2.50
CA SER B 220 -13.71 0.62 -2.93
C SER B 220 -12.42 1.23 -2.40
N ALA B 221 -12.12 1.02 -1.12
CA ALA B 221 -10.89 1.57 -0.54
C ALA B 221 -9.66 0.91 -1.15
N GLY B 222 -9.73 -0.39 -1.42
CA GLY B 222 -8.62 -1.05 -2.08
C GLY B 222 -8.35 -0.52 -3.47
N ILE B 223 -9.41 -0.28 -4.24
CA ILE B 223 -9.24 0.29 -5.57
C ILE B 223 -8.72 1.71 -5.48
N GLY B 224 -9.14 2.46 -4.44
CA GLY B 224 -8.58 3.78 -4.25
C GLY B 224 -7.10 3.75 -3.94
N LEU B 225 -6.67 2.82 -3.10
CA LEU B 225 -5.25 2.65 -2.82
C LEU B 225 -4.50 2.23 -4.10
N PHE B 226 -5.10 1.37 -4.90
CA PHE B 226 -4.49 0.94 -6.15
C PHE B 226 -4.30 2.11 -7.10
N LEU B 227 -5.33 2.96 -7.24
CA LEU B 227 -5.23 4.12 -8.10
C LEU B 227 -4.20 5.12 -7.57
N ALA B 228 -4.16 5.31 -6.25
CA ALA B 228 -3.16 6.20 -5.68
C ALA B 228 -1.75 5.67 -5.93
N PHE B 229 -1.56 4.37 -5.79
CA PHE B 229 -0.25 3.78 -6.07
C PHE B 229 0.13 3.97 -7.52
N ILE B 230 -0.83 3.80 -8.43
CA ILE B 230 -0.55 4.08 -9.84
C ILE B 230 -0.15 5.53 -10.03
N GLY B 231 -0.84 6.45 -9.34
CA GLY B 231 -0.50 7.86 -9.44
C GLY B 231 0.86 8.22 -8.86
N LEU B 232 1.47 7.30 -8.11
CA LEU B 232 2.80 7.50 -7.56
C LEU B 232 3.87 6.69 -8.29
N GLN B 233 3.51 6.00 -9.36
CA GLN B 233 4.49 5.32 -10.20
C GLN B 233 5.13 6.35 -11.13
N ASN B 234 6.00 5.88 -12.03
CA ASN B 234 6.70 6.74 -12.97
C ASN B 234 5.96 6.87 -14.30
N ASN B 235 5.73 5.75 -14.98
CA ASN B 235 5.05 5.77 -16.27
C ASN B 235 3.57 6.06 -16.15
N GLN B 236 3.07 6.27 -14.93
CA GLN B 236 1.65 6.42 -14.66
C GLN B 236 1.32 7.74 -13.98
N GLY B 237 2.15 8.18 -13.05
CA GLY B 237 1.87 9.38 -12.27
C GLY B 237 3.07 10.29 -12.09
N ILE B 238 3.27 10.77 -10.85
CA ILE B 238 4.28 11.79 -10.59
C ILE B 238 5.60 11.20 -10.12
N GLY B 239 5.74 9.88 -10.09
CA GLY B 239 6.89 9.28 -9.46
C GLY B 239 6.72 9.24 -7.95
N LEU B 240 7.78 9.50 -7.21
CA LEU B 240 7.85 9.49 -5.75
C LEU B 240 7.87 8.07 -5.20
N VAL B 241 7.70 7.04 -6.03
CA VAL B 241 7.82 5.65 -5.60
C VAL B 241 8.61 4.93 -6.68
N GLY B 242 9.83 4.50 -6.35
CA GLY B 242 10.70 3.84 -7.29
C GLY B 242 11.17 2.50 -6.76
N TYR B 243 12.02 1.86 -7.56
CA TYR B 243 12.53 0.54 -7.22
C TYR B 243 13.58 0.63 -6.12
N SER B 244 13.64 -0.40 -5.29
CA SER B 244 14.65 -0.51 -4.26
C SER B 244 15.07 -1.97 -4.13
N PRO B 245 16.36 -2.27 -4.20
CA PRO B 245 16.78 -3.68 -4.14
C PRO B 245 16.37 -4.38 -2.86
N SER B 246 16.42 -3.69 -1.73
CA SER B 246 16.20 -4.31 -0.44
C SER B 246 14.75 -4.23 0.02
N THR B 247 14.03 -3.18 -0.36
CA THR B 247 12.67 -2.96 0.11
C THR B 247 11.64 -3.01 -1.01
N LEU B 248 12.07 -2.97 -2.27
CA LEU B 248 11.20 -3.10 -3.44
C LEU B 248 10.40 -1.82 -3.72
N VAL B 249 10.43 -0.85 -2.78
CA VAL B 249 9.82 0.45 -2.99
C VAL B 249 10.46 1.45 -2.05
N THR B 250 10.87 2.60 -2.57
CA THR B 250 11.43 3.68 -1.77
C THR B 250 11.07 5.00 -2.44
N LEU B 251 11.77 6.07 -2.05
CA LEU B 251 11.48 7.42 -2.52
C LEU B 251 12.09 7.63 -3.90
N ALA B 252 11.22 7.80 -4.90
CA ALA B 252 11.58 8.21 -6.24
C ALA B 252 11.47 9.74 -6.33
N ALA B 253 11.26 10.26 -7.55
CA ALA B 253 11.24 11.68 -7.86
C ALA B 253 12.64 12.25 -8.08
N CYS B 254 13.58 11.40 -8.47
CA CYS B 254 14.84 11.87 -9.00
C CYS B 254 14.68 12.21 -10.48
N PRO B 255 15.53 13.06 -11.03
CA PRO B 255 15.41 13.42 -12.44
C PRO B 255 15.52 12.19 -13.32
N ALA B 256 14.82 12.24 -14.46
CA ALA B 256 14.80 11.10 -15.37
C ALA B 256 16.20 10.67 -15.79
N SER B 257 17.15 11.61 -15.87
CA SER B 257 18.52 11.25 -16.22
C SER B 257 19.19 10.39 -15.16
N SER B 258 18.76 10.50 -13.90
CA SER B 258 19.37 9.75 -12.81
C SER B 258 18.59 8.49 -12.47
N ARG B 259 17.94 7.88 -13.46
CA ARG B 259 17.21 6.64 -13.27
C ARG B 259 17.75 5.57 -14.21
N ILE B 260 17.80 4.33 -13.73
CA ILE B 260 18.32 3.22 -14.50
C ILE B 260 17.33 2.05 -14.43
N SER B 261 17.48 1.14 -15.38
CA SER B 261 16.61 -0.02 -15.49
C SER B 261 17.25 -1.22 -14.78
N LEU B 262 16.40 -2.20 -14.46
CA LEU B 262 16.82 -3.42 -13.79
C LEU B 262 16.66 -4.60 -14.72
N ALA B 263 17.57 -5.55 -14.64
CA ALA B 263 17.51 -6.76 -15.44
C ALA B 263 17.75 -7.98 -14.54
N PRO B 264 17.08 -9.09 -14.82
CA PRO B 264 17.33 -10.31 -14.03
C PRO B 264 18.75 -10.82 -14.23
N VAL B 265 19.31 -11.41 -13.18
CA VAL B 265 20.67 -11.93 -13.18
C VAL B 265 20.71 -13.24 -12.41
N ILE B 266 21.87 -13.89 -12.46
CA ILE B 266 22.10 -15.18 -11.81
C ILE B 266 23.20 -15.00 -10.78
N THR B 267 22.90 -15.29 -9.52
CA THR B 267 23.90 -15.21 -8.46
C THR B 267 24.54 -16.57 -8.23
N SER B 268 25.65 -16.59 -7.51
CA SER B 268 26.41 -17.81 -7.27
C SER B 268 26.97 -17.74 -5.85
N ALA B 269 27.90 -18.65 -5.55
CA ALA B 269 28.45 -18.76 -4.21
C ALA B 269 29.77 -18.01 -4.04
N ASN B 270 30.21 -17.24 -5.05
CA ASN B 270 31.40 -16.42 -4.95
C ASN B 270 31.14 -14.93 -5.17
N GLY B 271 30.16 -14.57 -5.99
CA GLY B 271 29.80 -13.18 -6.18
C GLY B 271 29.61 -12.77 -7.63
N THR B 272 29.84 -13.67 -8.56
CA THR B 272 29.66 -13.36 -9.97
C THR B 272 28.17 -13.21 -10.27
N VAL B 273 27.82 -12.21 -11.08
CA VAL B 273 26.46 -11.97 -11.53
C VAL B 273 26.49 -11.70 -13.02
N SER B 274 25.66 -12.40 -13.77
CA SER B 274 25.60 -12.27 -15.22
C SER B 274 24.16 -12.10 -15.66
N LEU B 275 23.97 -11.43 -16.79
CA LEU B 275 22.63 -11.19 -17.29
C LEU B 275 21.94 -12.51 -17.64
N LEU B 276 20.61 -12.49 -17.58
CA LEU B 276 19.80 -13.63 -17.95
C LEU B 276 19.19 -13.37 -19.32
N ALA B 277 19.57 -14.17 -20.31
CA ALA B 277 19.08 -13.99 -21.66
C ALA B 277 17.55 -14.04 -21.68
N GLY B 278 16.95 -13.12 -22.42
CA GLY B 278 15.51 -13.03 -22.51
C GLY B 278 14.86 -12.31 -21.34
N GLY B 279 15.64 -11.77 -20.41
CA GLY B 279 15.06 -11.12 -19.26
C GLY B 279 14.23 -9.91 -19.66
N SER B 280 13.15 -9.70 -18.91
CA SER B 280 12.25 -8.57 -19.15
C SER B 280 12.79 -7.34 -18.43
N VAL B 281 13.56 -6.53 -19.17
CA VAL B 281 14.10 -5.31 -18.60
C VAL B 281 12.95 -4.36 -18.26
N SER B 282 13.10 -3.64 -17.16
CA SER B 282 12.07 -2.74 -16.68
C SER B 282 12.32 -1.33 -17.21
N GLY B 283 11.39 -0.44 -16.91
CA GLY B 283 11.57 0.97 -17.19
C GLY B 283 12.56 1.58 -16.21
N ASP B 284 12.86 2.86 -16.44
CA ASP B 284 13.78 3.59 -15.57
C ASP B 284 13.05 3.87 -14.26
N ILE B 285 13.15 2.92 -13.34
CA ILE B 285 12.40 2.97 -12.10
C ILE B 285 13.31 3.13 -10.88
N MET B 286 14.60 2.83 -10.99
CA MET B 286 15.52 2.92 -9.87
C MET B 286 16.25 4.24 -9.92
N CYS B 287 16.26 4.95 -8.79
CA CYS B 287 17.00 6.20 -8.66
C CYS B 287 18.40 5.91 -8.14
N ILE B 288 19.41 6.47 -8.80
CA ILE B 288 20.78 6.34 -8.32
C ILE B 288 21.22 7.55 -7.51
N HIS B 289 20.63 8.73 -7.74
CA HIS B 289 20.95 9.92 -6.98
C HIS B 289 19.91 10.98 -7.32
N GLY B 290 20.00 12.12 -6.64
CA GLY B 290 19.12 13.23 -6.90
C GLY B 290 17.68 13.00 -6.50
N ARG B 291 17.44 12.33 -5.38
CA ARG B 291 16.08 12.07 -4.94
C ARG B 291 15.36 13.37 -4.60
N MET B 292 14.06 13.39 -4.87
CA MET B 292 13.22 14.55 -4.59
C MET B 292 13.71 15.80 -5.32
N GLU B 293 14.30 15.60 -6.50
CA GLU B 293 14.77 16.71 -7.33
C GLU B 293 14.14 16.72 -8.71
N SER B 294 13.20 15.81 -9.00
CA SER B 294 12.60 15.75 -10.32
C SER B 294 11.68 16.95 -10.52
N PRO B 295 11.92 17.80 -11.51
CA PRO B 295 10.99 18.91 -11.74
C PRO B 295 9.59 18.46 -12.12
N THR B 296 9.46 17.34 -12.83
CA THR B 296 8.14 16.83 -13.16
C THR B 296 7.37 16.40 -11.92
N PHE B 297 8.06 15.80 -10.95
CA PHE B 297 7.40 15.43 -9.70
C PHE B 297 6.87 16.65 -8.97
N TRP B 298 7.66 17.73 -8.94
CA TRP B 298 7.22 18.93 -8.24
C TRP B 298 6.11 19.65 -8.99
N LEU B 299 6.13 19.61 -10.33
CA LEU B 299 4.99 20.13 -11.08
C LEU B 299 3.73 19.33 -10.77
N GLY B 300 3.87 18.01 -10.69
CA GLY B 300 2.73 17.19 -10.29
C GLY B 300 2.25 17.51 -8.89
N ILE B 301 3.19 17.83 -7.98
CA ILE B 301 2.80 18.21 -6.63
C ILE B 301 2.04 19.53 -6.65
N VAL B 302 2.47 20.46 -7.50
CA VAL B 302 1.74 21.72 -7.64
C VAL B 302 0.33 21.47 -8.14
N GLY B 303 0.19 20.60 -9.14
CA GLY B 303 -1.15 20.23 -9.60
C GLY B 303 -1.97 19.57 -8.52
N PHE B 304 -1.33 18.72 -7.71
CA PHE B 304 -2.00 18.10 -6.57
C PHE B 304 -2.53 19.15 -5.61
N VAL B 305 -1.72 20.16 -5.31
CA VAL B 305 -2.15 21.21 -4.39
C VAL B 305 -3.31 21.99 -5.00
N ILE B 306 -3.24 22.26 -6.30
CA ILE B 306 -4.33 23.00 -6.96
C ILE B 306 -5.63 22.21 -6.87
N ILE B 307 -5.59 20.92 -7.21
CA ILE B 307 -6.81 20.12 -7.15
C ILE B 307 -7.30 19.99 -5.72
N ALA B 308 -6.38 19.90 -4.76
CA ALA B 308 -6.78 19.75 -3.36
C ALA B 308 -7.49 21.00 -2.86
N TYR B 309 -6.97 22.18 -3.19
CA TYR B 309 -7.66 23.41 -2.81
C TYR B 309 -8.98 23.56 -3.53
N CYS B 310 -9.05 23.17 -4.81
CA CYS B 310 -10.32 23.27 -5.52
C CYS B 310 -11.36 22.35 -4.89
N LEU B 311 -10.95 21.15 -4.47
CA LEU B 311 -11.88 20.24 -3.81
C LEU B 311 -12.28 20.77 -2.43
N VAL B 312 -11.33 21.29 -1.68
CA VAL B 312 -11.63 21.83 -0.36
C VAL B 312 -12.58 23.02 -0.48
N LYS B 313 -12.32 23.90 -1.43
CA LYS B 313 -13.17 25.07 -1.67
C LYS B 313 -14.43 24.73 -2.44
N ASN B 314 -14.75 23.45 -2.62
CA ASN B 314 -15.97 23.03 -3.30
C ASN B 314 -16.06 23.62 -4.70
N VAL B 315 -14.94 23.63 -5.41
CA VAL B 315 -14.88 24.17 -6.77
C VAL B 315 -15.11 23.02 -7.74
N LYS B 316 -16.15 23.15 -8.57
CA LYS B 316 -16.42 22.15 -9.59
C LYS B 316 -15.31 22.16 -10.64
N GLY B 317 -14.91 20.97 -11.08
CA GLY B 317 -13.81 20.86 -12.01
C GLY B 317 -12.45 21.00 -11.38
N ALA B 318 -12.29 20.61 -10.11
CA ALA B 318 -10.99 20.69 -9.46
C ALA B 318 -9.94 19.92 -10.24
N MET B 319 -10.22 18.65 -10.53
CA MET B 319 -9.23 17.81 -11.19
C MET B 319 -8.92 18.30 -12.60
N ILE B 320 -9.93 18.75 -13.33
CA ILE B 320 -9.66 19.26 -14.68
C ILE B 320 -8.82 20.54 -14.61
N TYR B 321 -9.06 21.38 -13.60
CA TYR B 321 -8.24 22.59 -13.46
C TYR B 321 -6.79 22.24 -13.17
N GLY B 322 -6.56 21.30 -12.25
CA GLY B 322 -5.19 20.90 -11.96
C GLY B 322 -4.50 20.26 -13.15
N ILE B 323 -5.21 19.37 -13.85
CA ILE B 323 -4.66 18.75 -15.05
C ILE B 323 -4.33 19.81 -16.09
N VAL B 324 -5.23 20.78 -16.26
CA VAL B 324 -5.00 21.84 -17.25
C VAL B 324 -3.75 22.64 -16.88
N PHE B 325 -3.60 22.98 -15.60
CA PHE B 325 -2.43 23.73 -15.19
C PHE B 325 -1.15 22.96 -15.48
N VAL B 326 -1.09 21.71 -15.04
CA VAL B 326 0.14 20.93 -15.22
C VAL B 326 0.42 20.73 -16.71
N THR B 327 -0.62 20.41 -17.49
CA THR B 327 -0.44 20.16 -18.91
C THR B 327 0.00 21.40 -19.64
N ALA B 328 -0.58 22.55 -19.32
CA ALA B 328 -0.17 23.80 -19.96
C ALA B 328 1.26 24.15 -19.61
N VAL B 329 1.67 23.93 -18.36
CA VAL B 329 3.06 24.15 -18.01
C VAL B 329 3.97 23.19 -18.77
N SER B 330 3.49 21.98 -19.05
CA SER B 330 4.26 20.99 -19.78
C SER B 330 4.22 21.18 -21.30
N TRP B 331 3.35 22.06 -21.81
CA TRP B 331 3.26 22.28 -23.24
C TRP B 331 4.40 23.13 -23.79
N PHE B 332 5.19 23.75 -22.93
CA PHE B 332 6.36 24.48 -23.40
C PHE B 332 7.44 23.49 -23.82
N ARG B 333 8.21 23.88 -24.84
CA ARG B 333 8.96 22.92 -25.63
C ARG B 333 10.33 22.58 -25.07
N ASN B 334 11.00 23.50 -24.40
CA ASN B 334 12.42 23.34 -24.06
C ASN B 334 12.63 23.47 -22.56
N THR B 335 11.80 22.79 -21.78
CA THR B 335 11.91 22.75 -20.33
C THR B 335 12.11 21.31 -19.87
N GLU B 336 12.43 21.15 -18.59
CA GLU B 336 12.61 19.82 -18.01
C GLU B 336 11.30 19.12 -17.71
N VAL B 337 10.17 19.82 -17.78
CA VAL B 337 8.85 19.25 -17.56
C VAL B 337 8.02 19.24 -18.85
N THR B 338 8.70 19.33 -19.99
CA THR B 338 7.98 19.44 -21.26
C THR B 338 7.33 18.12 -21.64
N ALA B 339 6.16 18.20 -22.26
CA ALA B 339 5.49 17.03 -22.80
C ALA B 339 5.95 16.67 -24.20
N PHE B 340 6.80 17.51 -24.81
CA PHE B 340 7.29 17.29 -26.17
C PHE B 340 8.81 17.41 -26.15
N PRO B 341 9.51 16.38 -25.68
CA PRO B 341 10.97 16.44 -25.66
C PRO B 341 11.55 16.58 -27.05
N ASN B 342 12.78 17.07 -27.11
CA ASN B 342 13.44 17.31 -28.39
C ASN B 342 13.87 16.00 -29.04
N THR B 343 12.89 15.18 -29.43
CA THR B 343 13.15 13.91 -30.09
C THR B 343 12.15 13.73 -31.21
N SER B 344 12.32 12.67 -32.00
CA SER B 344 11.40 12.42 -33.10
C SER B 344 9.98 12.18 -32.59
N ALA B 345 9.85 11.36 -31.54
CA ALA B 345 8.53 11.16 -30.95
C ALA B 345 7.98 12.45 -30.38
N GLY B 346 8.82 13.22 -29.67
CA GLY B 346 8.37 14.50 -29.15
C GLY B 346 8.01 15.47 -30.26
N ASP B 347 8.79 15.49 -31.34
CA ASP B 347 8.47 16.36 -32.47
C ASP B 347 7.13 15.98 -33.08
N ALA B 348 6.86 14.69 -33.25
CA ALA B 348 5.57 14.26 -33.79
C ALA B 348 4.43 14.63 -32.85
N ALA B 349 4.63 14.44 -31.55
CA ALA B 349 3.60 14.80 -30.58
C ALA B 349 3.30 16.29 -30.65
N HIS B 350 4.35 17.12 -30.72
CA HIS B 350 4.14 18.57 -30.81
C HIS B 350 3.48 18.95 -32.12
N ASP B 351 3.83 18.28 -33.21
CA ASP B 351 3.19 18.57 -34.49
C ASP B 351 1.70 18.27 -34.44
N TYR B 352 1.33 17.14 -33.82
CA TYR B 352 -0.09 16.84 -33.65
C TYR B 352 -0.76 17.83 -32.72
N PHE B 353 -0.05 18.26 -31.67
CA PHE B 353 -0.63 19.21 -30.72
C PHE B 353 -0.84 20.58 -31.35
N LYS B 354 0.00 20.96 -32.32
CA LYS B 354 -0.14 22.27 -32.96
C LYS B 354 -1.54 22.48 -33.49
N LYS B 355 -2.09 21.49 -34.19
CA LYS B 355 -3.47 21.56 -34.65
C LYS B 355 -4.37 21.46 -33.43
N ILE B 356 -4.97 22.58 -33.03
CA ILE B 356 -5.77 22.60 -31.82
C ILE B 356 -6.96 21.66 -31.95
N VAL B 357 -7.62 21.67 -33.10
CA VAL B 357 -8.83 20.89 -33.35
C VAL B 357 -8.53 19.83 -34.40
N ASP B 358 -8.99 18.61 -34.15
CA ASP B 358 -8.80 17.51 -35.08
C ASP B 358 -9.95 16.52 -34.90
N VAL B 359 -10.50 16.09 -36.03
CA VAL B 359 -11.57 15.09 -36.05
C VAL B 359 -10.88 13.75 -36.27
N HIS B 360 -10.51 13.10 -35.17
CA HIS B 360 -9.84 11.81 -35.25
C HIS B 360 -10.88 10.69 -35.40
N VAL B 361 -10.54 9.69 -36.20
CA VAL B 361 -11.39 8.54 -36.45
C VAL B 361 -10.71 7.30 -35.88
N ILE B 362 -11.45 6.53 -35.08
CA ILE B 362 -10.88 5.33 -34.49
C ILE B 362 -10.53 4.36 -35.61
N LYS B 363 -9.27 3.92 -35.65
CA LYS B 363 -8.81 3.01 -36.68
C LYS B 363 -8.29 1.68 -36.16
N HIS B 364 -7.98 1.56 -34.87
CA HIS B 364 -7.40 0.35 -34.31
C HIS B 364 -8.28 -0.27 -33.24
N THR B 365 -8.76 0.51 -32.27
CA THR B 365 -9.46 -0.03 -31.12
C THR B 365 -10.95 -0.22 -31.35
N ALA B 366 -11.49 0.26 -32.48
CA ALA B 366 -12.91 0.11 -32.76
C ALA B 366 -13.18 -1.26 -33.36
N GLY B 367 -14.07 -2.02 -32.72
CA GLY B 367 -14.39 -3.35 -33.20
C GLY B 367 -13.21 -4.29 -33.16
N ALA B 368 -12.40 -4.22 -32.10
CA ALA B 368 -11.21 -5.05 -31.96
C ALA B 368 -11.43 -6.23 -31.03
N LEU B 369 -12.66 -6.72 -30.95
CA LEU B 369 -12.96 -7.86 -30.09
C LEU B 369 -12.27 -9.11 -30.61
N SER B 370 -11.88 -9.98 -29.68
CA SER B 370 -11.24 -11.25 -30.03
C SER B 370 -11.61 -12.27 -28.96
N PHE B 371 -12.24 -13.37 -29.37
CA PHE B 371 -12.73 -14.38 -28.46
C PHE B 371 -11.82 -15.61 -28.40
N SER B 372 -10.54 -15.44 -28.73
CA SER B 372 -9.61 -16.56 -28.71
C SER B 372 -9.39 -17.08 -27.29
N GLY B 373 -9.32 -16.18 -26.31
CA GLY B 373 -8.95 -16.53 -24.96
C GLY B 373 -10.09 -16.91 -24.04
N ILE B 374 -11.26 -17.24 -24.58
CA ILE B 374 -12.39 -17.59 -23.71
C ILE B 374 -12.04 -18.79 -22.85
N ASN B 375 -11.38 -19.80 -23.42
CA ASN B 375 -11.05 -21.00 -22.66
C ASN B 375 -10.04 -20.72 -21.56
N LYS B 376 -9.22 -19.68 -21.70
CA LYS B 376 -8.21 -19.38 -20.69
C LYS B 376 -8.88 -19.02 -19.37
N GLY B 377 -8.23 -19.38 -18.27
CA GLY B 377 -8.74 -19.03 -16.95
C GLY B 377 -8.55 -17.58 -16.57
N HIS B 378 -7.50 -16.94 -17.09
CA HIS B 378 -7.30 -15.52 -16.82
C HIS B 378 -8.37 -14.67 -17.49
N PHE B 379 -8.84 -15.09 -18.66
CA PHE B 379 -9.96 -14.39 -19.29
C PHE B 379 -11.16 -14.36 -18.36
N TRP B 380 -11.50 -15.48 -17.75
CA TRP B 380 -12.66 -15.53 -16.87
C TRP B 380 -12.39 -14.85 -15.53
N GLU B 381 -11.15 -14.88 -15.05
CA GLU B 381 -10.82 -14.09 -13.87
C GLU B 381 -11.11 -12.61 -14.13
N ALA B 382 -10.59 -12.08 -15.25
CA ALA B 382 -10.83 -10.68 -15.59
C ALA B 382 -12.32 -10.42 -15.81
N LEU B 383 -13.01 -11.34 -16.47
CA LEU B 383 -14.43 -11.16 -16.74
C LEU B 383 -15.23 -11.07 -15.45
N VAL B 384 -14.97 -11.98 -14.50
CA VAL B 384 -15.73 -11.99 -13.26
C VAL B 384 -15.38 -10.78 -12.41
N THR B 385 -14.11 -10.36 -12.42
CA THR B 385 -13.74 -9.16 -11.68
C THR B 385 -14.45 -7.94 -12.25
N PHE B 386 -14.46 -7.80 -13.58
CA PHE B 386 -15.21 -6.71 -14.21
C PHE B 386 -16.68 -6.78 -13.83
N LEU B 387 -17.27 -7.96 -13.91
CA LEU B 387 -18.70 -8.12 -13.66
C LEU B 387 -19.05 -7.71 -12.25
N TYR B 388 -18.28 -8.16 -11.26
CA TYR B 388 -18.63 -7.86 -9.89
C TYR B 388 -18.28 -6.43 -9.49
N VAL B 389 -17.16 -5.89 -10.00
CA VAL B 389 -16.88 -4.48 -9.76
C VAL B 389 -18.01 -3.63 -10.31
N ASP B 390 -18.45 -3.93 -11.53
CA ASP B 390 -19.55 -3.16 -12.13
C ASP B 390 -20.85 -3.36 -11.35
N ILE B 391 -21.16 -4.58 -10.95
CA ILE B 391 -22.41 -4.82 -10.21
C ILE B 391 -22.41 -3.99 -8.93
N LEU B 392 -21.38 -4.14 -8.11
CA LEU B 392 -21.36 -3.45 -6.82
C LEU B 392 -21.32 -1.94 -7.01
N ASP B 393 -20.40 -1.46 -7.86
CA ASP B 393 -20.27 -0.03 -8.08
C ASP B 393 -21.56 0.58 -8.62
N THR B 394 -22.15 -0.04 -9.63
CA THR B 394 -23.34 0.53 -10.25
C THR B 394 -24.51 0.50 -9.28
N THR B 395 -24.69 -0.60 -8.54
CA THR B 395 -25.76 -0.64 -7.56
C THR B 395 -25.60 0.49 -6.54
N GLY B 396 -24.43 0.56 -5.92
CA GLY B 396 -24.22 1.59 -4.90
C GLY B 396 -24.38 2.99 -5.44
N THR B 397 -23.75 3.28 -6.58
CA THR B 397 -23.81 4.62 -7.14
C THR B 397 -25.22 4.99 -7.57
N LEU B 398 -25.91 4.08 -8.27
CA LEU B 398 -27.25 4.40 -8.75
C LEU B 398 -28.19 4.64 -7.58
N TYR B 399 -28.13 3.82 -6.54
CA TYR B 399 -29.04 4.04 -5.42
C TYR B 399 -28.66 5.27 -4.63
N SER B 400 -27.36 5.58 -4.52
CA SER B 400 -26.96 6.81 -3.84
C SER B 400 -27.44 8.04 -4.60
N MET B 401 -27.32 8.03 -5.93
CA MET B 401 -27.81 9.15 -6.72
C MET B 401 -29.33 9.26 -6.66
N ALA B 402 -30.03 8.12 -6.63
CA ALA B 402 -31.48 8.17 -6.46
C ALA B 402 -31.86 8.79 -5.13
N ARG B 403 -31.13 8.45 -4.07
CA ARG B 403 -31.36 9.10 -2.78
C ARG B 403 -31.07 10.59 -2.86
N PHE B 404 -29.98 10.97 -3.54
CA PHE B 404 -29.65 12.39 -3.68
C PHE B 404 -30.77 13.15 -4.37
N ALA B 405 -31.31 12.60 -5.45
CA ALA B 405 -32.36 13.25 -6.20
C ALA B 405 -33.74 13.04 -5.60
N GLY B 406 -33.84 12.26 -4.52
CA GLY B 406 -35.13 12.01 -3.88
C GLY B 406 -36.09 11.23 -4.73
N PHE B 407 -35.60 10.26 -5.51
CA PHE B 407 -36.46 9.38 -6.30
C PHE B 407 -36.73 8.05 -5.60
N VAL B 408 -36.07 7.78 -4.48
CA VAL B 408 -36.23 6.50 -3.79
C VAL B 408 -37.46 6.57 -2.91
N ASP B 409 -38.37 5.63 -3.11
CA ASP B 409 -39.61 5.57 -2.33
C ASP B 409 -39.39 4.69 -1.10
N GLU B 410 -40.49 4.37 -0.40
CA GLU B 410 -40.38 3.58 0.82
C GLU B 410 -39.82 2.19 0.53
N LYS B 411 -40.25 1.58 -0.57
CA LYS B 411 -39.81 0.23 -0.90
C LYS B 411 -38.35 0.18 -1.35
N GLY B 412 -37.78 1.32 -1.75
CA GLY B 412 -36.43 1.36 -2.26
C GLY B 412 -36.31 1.40 -3.77
N ASP B 413 -37.43 1.52 -4.48
CA ASP B 413 -37.45 1.57 -5.94
C ASP B 413 -37.59 3.03 -6.38
N PHE B 414 -36.77 3.43 -7.35
CA PHE B 414 -36.81 4.79 -7.87
C PHE B 414 -37.22 4.80 -9.34
N ALA B 415 -38.24 4.00 -9.67
CA ALA B 415 -38.91 4.08 -10.97
C ALA B 415 -38.04 3.55 -12.10
N GLY B 416 -37.04 4.33 -12.51
CA GLY B 416 -36.27 4.00 -13.69
C GLY B 416 -35.04 3.17 -13.41
N GLN B 417 -35.00 2.51 -12.26
CA GLN B 417 -33.81 1.73 -11.91
C GLN B 417 -33.59 0.59 -12.90
N TYR B 418 -34.67 -0.10 -13.29
CA TYR B 418 -34.53 -1.20 -14.24
C TYR B 418 -33.85 -0.74 -15.52
N PHE B 419 -34.43 0.28 -16.16
CA PHE B 419 -33.83 0.82 -17.37
C PHE B 419 -32.51 1.52 -17.11
N ALA B 420 -32.28 2.02 -15.90
CA ALA B 420 -30.96 2.57 -15.58
C ALA B 420 -29.88 1.50 -15.66
N PHE B 421 -30.13 0.33 -15.06
CA PHE B 421 -29.14 -0.74 -15.11
C PHE B 421 -29.02 -1.31 -16.52
N MET B 422 -30.12 -1.43 -17.25
CA MET B 422 -30.02 -1.88 -18.64
C MET B 422 -29.22 -0.89 -19.48
N SER B 423 -29.41 0.41 -19.25
CA SER B 423 -28.63 1.42 -19.95
C SER B 423 -27.16 1.30 -19.62
N ASP B 424 -26.84 1.09 -18.34
CA ASP B 424 -25.44 0.94 -17.95
C ASP B 424 -24.81 -0.27 -18.64
N ALA B 425 -25.53 -1.40 -18.68
CA ALA B 425 -24.98 -2.58 -19.33
C ALA B 425 -24.80 -2.37 -20.82
N SER B 426 -25.78 -1.73 -21.47
CA SER B 426 -25.65 -1.43 -22.89
C SER B 426 -24.46 -0.51 -23.16
N ALA B 427 -24.25 0.46 -22.28
CA ALA B 427 -23.11 1.35 -22.40
C ALA B 427 -21.80 0.58 -22.25
N ILE B 428 -21.76 -0.39 -21.33
CA ILE B 428 -20.56 -1.22 -21.18
C ILE B 428 -20.28 -1.97 -22.47
N VAL B 429 -21.32 -2.56 -23.06
CA VAL B 429 -21.13 -3.33 -24.30
C VAL B 429 -20.64 -2.41 -25.41
N ILE B 430 -21.24 -1.23 -25.56
CA ILE B 430 -20.84 -0.32 -26.62
C ILE B 430 -19.42 0.16 -26.40
N GLY B 431 -19.04 0.46 -25.15
CA GLY B 431 -17.68 0.85 -24.87
C GLY B 431 -16.69 -0.24 -25.23
N SER B 432 -17.02 -1.50 -24.90
CA SER B 432 -16.18 -2.61 -25.32
C SER B 432 -16.05 -2.65 -26.84
N LEU B 433 -17.14 -2.42 -27.55
CA LEU B 433 -17.07 -2.37 -29.02
C LEU B 433 -16.20 -1.23 -29.51
N LEU B 434 -16.13 -0.13 -28.78
CA LEU B 434 -15.27 0.99 -29.15
C LEU B 434 -13.84 0.85 -28.66
N GLY B 435 -13.57 -0.11 -27.78
CA GLY B 435 -12.22 -0.38 -27.35
C GLY B 435 -11.82 0.26 -26.03
N THR B 436 -12.76 0.45 -25.12
CA THR B 436 -12.48 1.05 -23.82
C THR B 436 -12.98 0.14 -22.70
N SER B 437 -12.40 0.32 -21.52
CA SER B 437 -12.77 -0.43 -20.33
C SER B 437 -14.24 -0.21 -20.02
N PRO B 438 -14.83 -0.95 -19.09
CA PRO B 438 -16.27 -0.80 -18.83
C PRO B 438 -16.63 0.62 -18.45
N VAL B 439 -17.78 1.07 -18.93
CA VAL B 439 -18.30 2.40 -18.65
C VAL B 439 -19.39 2.27 -17.60
N THR B 440 -19.31 3.10 -16.56
CA THR B 440 -20.23 3.06 -15.43
C THR B 440 -20.82 4.45 -15.22
N VAL B 441 -21.83 4.49 -14.35
CA VAL B 441 -22.41 5.75 -13.92
C VAL B 441 -21.48 6.43 -12.94
N PHE B 442 -21.18 7.70 -13.20
CA PHE B 442 -20.22 8.42 -12.38
C PHE B 442 -20.87 8.98 -11.13
N ILE B 443 -20.18 8.82 -10.01
CA ILE B 443 -20.63 9.44 -8.78
C ILE B 443 -20.63 10.95 -8.91
N GLU B 444 -19.83 11.49 -9.82
CA GLU B 444 -19.85 12.91 -10.12
C GLU B 444 -21.23 13.38 -10.57
N SER B 445 -22.08 12.47 -11.05
CA SER B 445 -23.44 12.83 -11.38
C SER B 445 -24.16 13.48 -10.20
N SER B 446 -23.78 13.13 -8.96
CA SER B 446 -24.39 13.77 -7.81
C SER B 446 -24.29 15.29 -7.91
N THR B 447 -23.19 15.80 -8.43
CA THR B 447 -23.06 17.24 -8.62
C THR B 447 -24.25 17.78 -9.40
N GLY B 448 -24.56 17.18 -10.55
CA GLY B 448 -25.71 17.63 -11.32
C GLY B 448 -27.00 17.49 -10.53
N ILE B 449 -27.10 16.45 -9.71
CA ILE B 449 -28.28 16.30 -8.87
C ILE B 449 -28.32 17.41 -7.82
N ARG B 450 -27.16 17.80 -7.30
CA ARG B 450 -27.12 18.86 -6.30
C ARG B 450 -27.44 20.22 -6.89
N GLU B 451 -27.33 20.38 -8.21
CA GLU B 451 -27.62 21.63 -8.89
C GLU B 451 -29.06 21.73 -9.35
N GLY B 452 -29.87 20.70 -9.16
CA GLY B 452 -31.27 20.71 -9.54
C GLY B 452 -31.63 19.78 -10.67
N GLY B 453 -30.65 19.12 -11.29
CA GLY B 453 -30.94 18.18 -12.37
C GLY B 453 -31.77 17.01 -11.91
N ARG B 454 -32.89 16.76 -12.57
CA ARG B 454 -33.79 15.68 -12.21
C ARG B 454 -34.19 14.78 -13.36
N THR B 455 -34.15 15.26 -14.60
CA THR B 455 -34.61 14.52 -15.76
C THR B 455 -33.42 14.06 -16.58
N GLY B 456 -33.72 13.42 -17.72
CA GLY B 456 -32.68 12.92 -18.60
C GLY B 456 -31.97 13.98 -19.40
N LEU B 457 -32.50 15.21 -19.42
CA LEU B 457 -31.85 16.28 -20.17
C LEU B 457 -30.47 16.58 -19.62
N THR B 458 -30.23 16.29 -18.34
CA THR B 458 -28.89 16.47 -17.79
C THR B 458 -27.89 15.55 -18.47
N ALA B 459 -28.28 14.29 -18.67
CA ALA B 459 -27.39 13.36 -19.37
C ALA B 459 -27.15 13.78 -20.81
N ILE B 460 -28.19 14.31 -21.47
CA ILE B 460 -28.03 14.78 -22.84
C ILE B 460 -27.09 15.98 -22.89
N THR B 461 -27.18 16.86 -21.90
CA THR B 461 -26.27 17.99 -21.84
C THR B 461 -24.83 17.52 -21.66
N VAL B 462 -24.62 16.52 -20.79
CA VAL B 462 -23.27 15.99 -20.62
C VAL B 462 -22.80 15.35 -21.92
N ALA B 463 -23.70 14.70 -22.64
CA ALA B 463 -23.33 14.09 -23.92
C ALA B 463 -22.94 15.15 -24.94
N VAL B 464 -23.64 16.29 -24.94
CA VAL B 464 -23.28 17.38 -25.85
C VAL B 464 -21.90 17.93 -25.48
N TYR B 465 -21.64 18.09 -24.19
CA TYR B 465 -20.31 18.53 -23.78
C TYR B 465 -19.24 17.53 -24.18
N PHE B 466 -19.57 16.24 -24.18
CA PHE B 466 -18.63 15.23 -24.67
C PHE B 466 -18.43 15.35 -26.18
N LEU B 467 -19.49 15.64 -26.93
CA LEU B 467 -19.32 15.99 -28.33
C LEU B 467 -18.29 17.09 -28.49
N LEU B 468 -18.46 18.16 -27.72
CA LEU B 468 -17.47 19.24 -27.73
C LEU B 468 -16.09 18.75 -27.30
N ALA B 469 -16.05 17.68 -26.49
CA ALA B 469 -14.76 17.11 -26.09
C ALA B 469 -14.01 16.57 -27.31
N MET B 470 -14.73 15.95 -28.24
CA MET B 470 -14.13 15.70 -29.54
C MET B 470 -13.71 17.02 -30.17
N PHE B 471 -12.95 16.94 -31.26
CA PHE B 471 -12.33 18.07 -31.91
C PHE B 471 -11.23 18.67 -31.05
N PHE B 472 -10.84 17.99 -29.95
CA PHE B 472 -9.77 18.46 -29.08
C PHE B 472 -8.86 17.32 -28.66
N THR B 473 -8.84 16.23 -29.44
CA THR B 473 -7.87 15.16 -29.18
C THR B 473 -6.44 15.67 -29.16
N PRO B 474 -6.02 16.58 -30.04
CA PRO B 474 -4.63 17.06 -29.96
C PRO B 474 -4.27 17.63 -28.60
N LEU B 475 -5.19 18.35 -27.97
CA LEU B 475 -4.93 18.85 -26.62
C LEU B 475 -5.05 17.75 -25.57
N LEU B 476 -5.98 16.83 -25.77
CA LEU B 476 -6.18 15.75 -24.81
C LEU B 476 -5.14 14.64 -24.94
N ALA B 477 -4.46 14.55 -26.08
CA ALA B 477 -3.44 13.55 -26.29
C ALA B 477 -2.06 13.99 -25.84
N SER B 478 -1.92 15.23 -25.36
CA SER B 478 -0.64 15.79 -24.96
C SER B 478 -0.58 16.02 -23.45
N ILE B 479 -1.18 15.13 -22.68
CA ILE B 479 -1.25 15.28 -21.23
C ILE B 479 -0.24 14.31 -20.61
N PRO B 480 0.77 14.79 -19.91
CA PRO B 480 1.83 13.90 -19.43
C PRO B 480 1.40 13.11 -18.20
N ALA B 481 2.29 12.21 -17.78
CA ALA B 481 1.99 11.34 -16.64
C ALA B 481 1.86 12.13 -15.35
N TRP B 482 2.72 13.13 -15.16
CA TRP B 482 2.65 13.96 -13.96
C TRP B 482 1.39 14.83 -13.95
N ALA B 483 0.68 14.92 -15.06
CA ALA B 483 -0.64 15.54 -15.07
C ALA B 483 -1.72 14.53 -14.67
N VAL B 484 -1.58 13.27 -15.08
CA VAL B 484 -2.55 12.25 -14.69
C VAL B 484 -2.47 12.01 -13.19
N GLY B 485 -1.35 11.47 -12.72
CA GLY B 485 -0.78 11.84 -11.44
C GLY B 485 -1.76 12.19 -10.32
N PRO B 486 -1.72 13.47 -9.91
CA PRO B 486 -2.50 13.91 -8.76
C PRO B 486 -3.98 13.60 -8.89
N PRO B 487 -4.56 13.71 -10.09
CA PRO B 487 -5.93 13.22 -10.25
C PRO B 487 -6.11 11.81 -9.74
N LEU B 488 -5.19 10.91 -10.07
CA LEU B 488 -5.29 9.53 -9.59
C LEU B 488 -5.14 9.46 -8.07
N ILE B 489 -4.17 10.20 -7.53
CA ILE B 489 -3.97 10.16 -6.08
C ILE B 489 -5.21 10.65 -5.35
N LEU B 490 -5.82 11.73 -5.83
CA LEU B 490 -6.98 12.30 -5.15
C LEU B 490 -8.23 11.47 -5.36
N VAL B 491 -8.36 10.81 -6.52
CA VAL B 491 -9.43 9.84 -6.69
C VAL B 491 -9.28 8.73 -5.67
N GLY B 492 -8.05 8.24 -5.47
CA GLY B 492 -7.82 7.26 -4.43
C GLY B 492 -8.20 7.78 -3.06
N VAL B 493 -7.94 9.07 -2.80
CA VAL B 493 -8.36 9.67 -1.54
C VAL B 493 -9.87 9.62 -1.39
N MET B 494 -10.60 9.99 -2.44
CA MET B 494 -12.06 10.09 -2.35
C MET B 494 -12.70 8.73 -2.09
N MET B 495 -12.05 7.65 -2.50
CA MET B 495 -12.63 6.32 -2.37
C MET B 495 -12.30 5.65 -1.05
N MET B 496 -11.52 6.30 -0.18
CA MET B 496 -11.15 5.76 1.12
C MET B 496 -12.23 5.96 2.17
N LYS B 497 -13.19 6.85 1.93
CA LYS B 497 -14.20 7.17 2.94
C LYS B 497 -15.04 5.97 3.33
N SER B 498 -15.04 4.91 2.53
CA SER B 498 -15.79 3.71 2.85
C SER B 498 -15.19 2.92 4.00
N VAL B 499 -13.94 3.20 4.38
CA VAL B 499 -13.34 2.43 5.48
C VAL B 499 -14.11 2.63 6.77
N THR B 500 -14.77 3.79 6.93
CA THR B 500 -15.56 4.03 8.12
C THR B 500 -16.76 3.11 8.23
N GLU B 501 -17.14 2.43 7.15
CA GLU B 501 -18.27 1.52 7.17
C GLU B 501 -17.89 0.09 7.56
N ILE B 502 -16.62 -0.14 7.89
CA ILE B 502 -16.14 -1.46 8.28
C ILE B 502 -15.98 -1.48 9.80
N ASP B 503 -16.48 -2.54 10.43
CA ASP B 503 -16.32 -2.73 11.86
C ASP B 503 -14.92 -3.31 12.10
N TRP B 504 -14.00 -2.44 12.51
CA TRP B 504 -12.61 -2.84 12.70
C TRP B 504 -12.37 -3.51 14.04
N GLU B 505 -13.38 -3.58 14.91
CA GLU B 505 -13.24 -4.30 16.17
C GLU B 505 -13.52 -5.78 16.01
N ASP B 506 -14.38 -6.15 15.06
CA ASP B 506 -14.68 -7.55 14.78
C ASP B 506 -13.65 -8.06 13.78
N MET B 507 -12.85 -9.04 14.20
CA MET B 507 -11.77 -9.51 13.35
C MET B 507 -12.29 -10.29 12.15
N ARG B 508 -13.41 -11.00 12.31
CA ARG B 508 -14.00 -11.70 11.18
C ARG B 508 -14.38 -10.76 10.05
N GLU B 509 -14.58 -9.47 10.35
CA GLU B 509 -14.85 -8.47 9.34
C GLU B 509 -13.66 -7.56 9.05
N ALA B 510 -12.78 -7.36 10.03
CA ALA B 510 -11.61 -6.51 9.80
C ALA B 510 -10.56 -7.22 8.95
N ILE B 511 -10.31 -8.51 9.20
CA ILE B 511 -9.28 -9.22 8.45
C ILE B 511 -9.63 -9.30 6.97
N PRO B 512 -10.83 -9.75 6.57
CA PRO B 512 -11.15 -9.74 5.13
C PRO B 512 -11.09 -8.35 4.52
N ALA B 513 -11.56 -7.33 5.24
CA ALA B 513 -11.50 -5.97 4.72
C ALA B 513 -10.06 -5.50 4.56
N PHE B 514 -9.22 -5.78 5.55
CA PHE B 514 -7.82 -5.39 5.45
C PHE B 514 -7.14 -6.09 4.28
N VAL B 515 -7.40 -7.37 4.11
CA VAL B 515 -6.80 -8.11 3.00
C VAL B 515 -7.27 -7.52 1.67
N THR B 516 -8.56 -7.25 1.56
CA THR B 516 -9.08 -6.69 0.31
C THR B 516 -8.44 -5.33 0.02
N MET B 517 -8.30 -4.48 1.04
CA MET B 517 -7.67 -3.18 0.83
C MET B 517 -6.22 -3.32 0.40
N ILE B 518 -5.46 -4.18 1.08
CA ILE B 518 -4.01 -4.14 0.93
C ILE B 518 -3.52 -4.96 -0.25
N LEU B 519 -4.16 -6.09 -0.56
CA LEU B 519 -3.70 -6.89 -1.69
C LEU B 519 -3.83 -6.15 -3.00
N MET B 520 -4.80 -5.25 -3.12
CA MET B 520 -5.02 -4.57 -4.39
C MET B 520 -3.83 -3.72 -4.81
N PRO B 521 -3.28 -2.84 -3.98
CA PRO B 521 -2.05 -2.14 -4.40
C PRO B 521 -0.81 -3.02 -4.37
N LEU B 522 -0.67 -3.87 -3.36
CA LEU B 522 0.55 -4.66 -3.21
C LEU B 522 0.65 -5.71 -4.31
N THR B 523 -0.37 -6.55 -4.46
CA THR B 523 -0.44 -7.43 -5.61
C THR B 523 -0.77 -6.68 -6.88
N TYR B 524 -1.23 -5.44 -6.73
CA TYR B 524 -1.37 -4.49 -7.84
C TYR B 524 -2.49 -4.95 -8.76
N SER B 525 -3.47 -5.65 -8.19
CA SER B 525 -4.54 -6.28 -8.97
C SER B 525 -5.83 -6.22 -8.18
N VAL B 526 -6.91 -5.79 -8.83
CA VAL B 526 -8.23 -5.80 -8.19
C VAL B 526 -8.73 -7.22 -8.01
N ALA B 527 -8.51 -8.07 -9.02
CA ALA B 527 -8.99 -9.44 -8.94
C ALA B 527 -8.34 -10.19 -7.77
N TYR B 528 -7.03 -10.02 -7.61
CA TYR B 528 -6.34 -10.71 -6.52
C TYR B 528 -6.82 -10.19 -5.17
N GLY B 529 -7.05 -8.88 -5.06
CA GLY B 529 -7.58 -8.36 -3.81
C GLY B 529 -8.94 -8.94 -3.47
N LEU B 530 -9.84 -8.99 -4.46
CA LEU B 530 -11.16 -9.57 -4.22
C LEU B 530 -11.06 -11.05 -3.86
N ILE B 531 -10.21 -11.79 -4.57
CA ILE B 531 -10.09 -13.22 -4.31
C ILE B 531 -9.56 -13.45 -2.90
N GLY B 532 -8.51 -12.72 -2.52
CA GLY B 532 -7.96 -12.88 -1.19
C GLY B 532 -8.95 -12.50 -0.11
N GLY B 533 -9.67 -11.39 -0.30
CA GLY B 533 -10.65 -10.98 0.69
C GLY B 533 -11.77 -12.00 0.85
N ILE B 534 -12.31 -12.50 -0.26
CA ILE B 534 -13.39 -13.47 -0.18
C ILE B 534 -12.90 -14.77 0.43
N GLY B 535 -11.69 -15.20 0.06
CA GLY B 535 -11.15 -16.42 0.64
C GLY B 535 -10.94 -16.31 2.14
N SER B 536 -10.38 -15.19 2.58
CA SER B 536 -10.20 -14.98 4.01
C SER B 536 -11.53 -14.91 4.74
N TYR B 537 -12.53 -14.24 4.14
CA TYR B 537 -13.85 -14.18 4.74
C TYR B 537 -14.45 -15.57 4.88
N VAL B 538 -14.33 -16.40 3.83
CA VAL B 538 -14.89 -17.74 3.89
C VAL B 538 -14.17 -18.58 4.94
N VAL B 539 -12.84 -18.49 4.97
CA VAL B 539 -12.07 -19.30 5.92
C VAL B 539 -12.42 -18.89 7.35
N LEU B 540 -12.49 -17.60 7.63
CA LEU B 540 -12.73 -17.14 9.00
C LEU B 540 -14.14 -17.43 9.46
N HIS B 541 -15.09 -17.63 8.55
CA HIS B 541 -16.47 -17.94 8.90
C HIS B 541 -16.77 -19.44 8.80
N LEU B 542 -15.79 -20.26 8.46
CA LEU B 542 -16.05 -21.70 8.34
C LEU B 542 -16.47 -22.29 9.69
N TRP B 543 -15.82 -21.87 10.77
CA TRP B 543 -16.21 -22.37 12.08
C TRP B 543 -17.65 -21.98 12.42
N ASP B 544 -18.01 -20.72 12.20
CA ASP B 544 -19.36 -20.27 12.49
C ASP B 544 -20.38 -20.99 11.62
N TRP B 545 -20.09 -21.12 10.32
CA TRP B 545 -21.02 -21.78 9.43
C TRP B 545 -21.18 -23.26 9.80
N GLY B 546 -20.10 -23.93 10.14
CA GLY B 546 -20.19 -25.33 10.53
C GLY B 546 -20.98 -25.51 11.82
N GLU B 547 -20.72 -24.66 12.81
CA GLU B 547 -21.48 -24.73 14.05
C GLU B 547 -22.96 -24.49 13.79
N GLU B 548 -23.28 -23.49 12.95
CA GLU B 548 -24.68 -23.20 12.65
C GLU B 548 -25.33 -24.35 11.89
N GLY B 549 -24.59 -25.00 10.99
CA GLY B 549 -25.14 -26.14 10.29
C GLY B 549 -25.43 -27.31 11.23
N LEU B 550 -24.50 -27.59 12.14
CA LEU B 550 -24.74 -28.64 13.12
C LEU B 550 -25.96 -28.30 13.99
N VAL B 551 -26.08 -27.03 14.39
CA VAL B 551 -27.22 -26.63 15.22
C VAL B 551 -28.52 -26.80 14.44
N LYS B 552 -28.55 -26.32 13.19
CA LYS B 552 -29.76 -26.44 12.38
C LYS B 552 -30.12 -27.90 12.13
N LEU B 553 -29.12 -28.78 12.12
CA LEU B 553 -29.38 -30.21 12.03
C LEU B 553 -29.75 -30.82 13.37
N GLY B 554 -29.55 -30.08 14.47
CA GLY B 554 -29.98 -30.51 15.78
C GLY B 554 -28.91 -31.11 16.67
N PHE B 555 -27.68 -31.29 16.17
CA PHE B 555 -26.62 -31.87 17.00
C PHE B 555 -26.33 -31.01 18.21
N LEU B 556 -26.22 -29.69 18.03
CA LEU B 556 -25.88 -28.78 19.10
C LEU B 556 -27.10 -27.98 19.54
N LYS B 557 -26.99 -27.36 20.71
CA LYS B 557 -28.06 -26.54 21.26
C LYS B 557 -27.67 -25.07 21.29
C1 NAG C . 32.39 -17.55 -9.75
C2 NAG C . 33.49 -17.29 -10.77
C3 NAG C . 33.09 -17.79 -12.15
C4 NAG C . 32.69 -19.26 -12.07
C5 NAG C . 31.56 -19.41 -11.06
C6 NAG C . 31.12 -20.85 -10.87
C7 NAG C . 35.01 -15.39 -10.41
C8 NAG C . 35.19 -13.90 -10.54
N2 NAG C . 33.84 -15.88 -10.82
O3 NAG C . 34.20 -17.64 -13.03
O4 NAG C . 32.27 -19.78 -13.33
O5 NAG C . 32.01 -18.95 -9.78
O6 NAG C . 29.75 -20.93 -10.49
O7 NAG C . 35.89 -16.11 -9.95
H5 NAG C . 30.79 -18.88 -11.34
H61 NAG C . 31.66 -21.26 -10.19
H62 NAG C . 31.23 -21.33 -11.71
H81 NAG C . 36.08 -13.66 -10.25
H82 NAG C . 34.53 -13.45 -10.00
H83 NAG C . 35.07 -13.65 -11.48
HN2 NAG C . 33.22 -15.29 -11.17
HO6 NAG C . 29.49 -21.78 -10.48
C1 NAG C . 31.93 -18.76 -14.29
C2 NAG C . 32.77 -18.96 -15.54
C3 NAG C . 32.37 -17.94 -16.62
C4 NAG C . 30.88 -18.02 -16.89
C5 NAG C . 30.12 -17.84 -15.58
C6 NAG C . 28.62 -18.01 -15.74
C7 NAG C . 34.88 -19.87 -14.68
C8 NAG C . 36.34 -19.61 -14.45
N2 NAG C . 34.19 -18.88 -15.25
O3 NAG C . 33.11 -18.20 -17.81
O4 NAG C . 30.50 -17.02 -17.81
O5 NAG C . 30.54 -18.82 -14.62
O6 NAG C . 28.24 -19.38 -15.69
O7 NAG C . 34.35 -20.92 -14.34
H5 NAG C . 30.30 -16.95 -15.22
H61 NAG C . 28.35 -17.64 -16.61
H62 NAG C . 28.16 -17.53 -15.04
H81 NAG C . 36.76 -20.40 -14.07
H82 NAG C . 36.46 -18.86 -13.85
H83 NAG C . 36.77 -19.41 -15.32
HN2 NAG C . 34.64 -18.11 -15.49
HO6 NAG C . 28.76 -19.81 -15.11
C1 NAG D . 23.75 -1.54 -29.81
C2 NAG D . 24.58 -2.77 -30.14
C3 NAG D . 25.71 -2.93 -29.13
C4 NAG D . 26.53 -1.65 -29.03
C5 NAG D . 25.63 -0.43 -28.83
C6 NAG D . 26.38 0.88 -28.92
C7 NAG D . 23.81 -4.86 -31.17
C8 NAG D . 22.89 -6.04 -31.04
N2 NAG D . 23.75 -3.97 -30.17
O3 NAG D . 26.52 -4.02 -29.54
O4 NAG D . 27.42 -1.71 -27.93
O5 NAG D . 24.59 -0.38 -29.82
O6 NAG D . 25.67 1.94 -28.29
O7 NAG D . 24.59 -4.74 -32.10
H5 NAG D . 25.22 -0.48 -27.94
H61 NAG D . 26.51 1.11 -29.86
H62 NAG D . 27.24 0.79 -28.49
H81 NAG D . 22.82 -6.49 -31.90
H82 NAG D . 22.01 -5.73 -30.77
H83 NAG D . 23.24 -6.66 -30.37
HN2 NAG D . 23.16 -4.11 -29.50
HO6 NAG D . 26.12 2.69 -28.38
C1 NAG D . 28.40 -2.77 -28.07
C2 NAG D . 29.70 -2.21 -28.61
C3 NAG D . 30.87 -3.07 -28.15
C4 NAG D . 31.04 -2.96 -26.65
C5 NAG D . 29.68 -2.92 -25.95
C6 NAG D . 29.25 -1.54 -25.54
C7 NAG D . 29.30 -1.00 -30.70
C8 NAG D . 29.33 -1.07 -32.20
N2 NAG D . 29.67 -2.11 -30.06
O3 NAG D . 32.06 -2.67 -28.82
O4 NAG D . 31.81 -4.05 -26.15
O5 NAG D . 28.64 -3.45 -26.79
O6 NAG D . 29.97 -0.54 -26.26
O7 NAG D . 28.95 0.01 -30.11
H5 NAG D . 29.74 -3.48 -25.15
H61 NAG D . 29.43 -1.41 -24.59
H62 NAG D . 28.30 -1.43 -25.69
H81 NAG D . 29.10 -0.20 -32.58
H82 NAG D . 28.67 -1.74 -32.51
H83 NAG D . 30.22 -1.34 -32.50
HN2 NAG D . 29.92 -2.83 -30.55
HO6 NAG D . 29.88 0.25 -25.86
CAM H35 E . 3.40 3.02 17.15
CAO H35 E . 2.17 3.02 16.53
CAN H35 E . 1.55 1.82 16.84
OAL H35 E . 2.38 1.14 17.63
CAK H35 E . 3.52 1.82 17.84
CAP H35 E . 4.71 1.36 18.68
N6 H35 E . 4.56 -0.04 19.05
C6 H35 E . 3.57 -0.40 20.04
N1 H35 E . 3.00 0.56 20.76
C2 H35 E . 2.09 0.27 21.68
N3 H35 E . 1.73 -0.98 21.90
C4 H35 E . 2.27 -2.02 21.21
C5 H35 E . 3.20 -1.75 20.25
N7 H35 E . 3.55 -2.96 19.73
C8 H35 E . 2.86 -3.92 20.34
N9 H35 E . 2.07 -3.35 21.24
HAM H35 E . 4.04 3.70 17.11
HAO H35 E . 1.81 3.70 16.00
HAN H35 E . 0.70 1.55 16.56
HAP1 H35 E . 4.77 1.90 19.48
HAP2 H35 E . 5.53 1.46 18.16
H6 H35 E . 5.04 -0.63 18.68
H2 H35 E . 1.71 0.96 22.17
H7 H35 E . 4.13 -3.09 19.10
H8 H35 E . 2.92 -4.84 20.15
CAM H35 F . -15.40 0.99 -8.77
CAO H35 F . -15.17 1.32 -7.44
CAN H35 F . -15.10 2.70 -7.37
OAL H35 F . -15.28 3.16 -8.61
CAK H35 F . -15.46 2.17 -9.47
CAP H35 F . -15.71 2.31 -10.98
N6 H35 F . -15.49 3.68 -11.40
C6 H35 F . -16.46 4.70 -11.03
N1 H35 F . -17.62 4.32 -10.53
C2 H35 F . -18.53 5.21 -10.18
N3 H35 F . -18.30 6.50 -10.31
C4 H35 F . -17.12 6.97 -10.82
C5 H35 F . -16.17 6.08 -11.19
N7 H35 F . -15.12 6.81 -11.64
C8 H35 F . -15.42 8.11 -11.55
N9 H35 F . -16.65 8.22 -11.04
HAM H35 F . -15.50 0.12 -9.11
HAO H35 F . -15.07 0.72 -6.73
HAN H35 F . -14.95 3.20 -6.60
HAP1 H35 F . -16.62 2.05 -11.19
HAP2 H35 F . -15.10 1.73 -11.46
H6 H35 F . -14.80 3.88 -11.86
H2 H35 F . -19.35 4.92 -9.84
H7 H35 F . -14.38 6.50 -11.94
H8 H35 F . -14.88 8.82 -11.79
#